data_9FV2
#
_entry.id   9FV2
#
_cell.length_a   1.00
_cell.length_b   1.00
_cell.length_c   1.00
_cell.angle_alpha   90.00
_cell.angle_beta   90.00
_cell.angle_gamma   90.00
#
_symmetry.space_group_name_H-M   'P 1'
#
loop_
_entity.id
_entity.type
_entity.pdbx_description
1 polymer 'ATP-dependent lipid A-core flippase'
2 non-polymer '(2~{R},4~{R},5~{R},6~{R})-6-[(1~{R})-1,2-bis(oxidanyl)ethyl]-2-[(2~{R},4~{R},5~{R},6~{R})-6-[(1~{R})-1,2-bis(oxidanyl)ethyl]-5-[(2~{S},3~{S},4~{R},5~{R},6~{R})-6-[(1~{S})-1,2-bis(oxidanyl)ethyl]-4-[(2~{R},3~{S},4~{R},5~{S},6~{R})-6-[(1~{S})-2-[(2~{S},3~{S},4~{S},5~{S},6~{R})-6-[(1~{S})-1,2-bis(oxidanyl)ethyl]-3,4,5-tris(oxidanyl)oxan-2-yl]oxy-1-oxidanyl-ethyl]-3,4-bis(oxidanyl)-5-phosphonooxy-oxan-2-yl]oxy-3-oxidanyl-5-phosphonooxy-oxan-2-yl]oxy-2-carboxy-2-[[(2~{R},3~{S},4~{R},5~{R},6~{R})-5-[[(3~{R})-3-dodecanoyloxytetradecanoyl]amino]-6-[[(2~{R},3~{S},4~{R},5~{R},6~{R})-3-oxidanyl-5-[[(3~{R})-3-oxidanyltetradecanoyl]amino]-4-[(3~{R})-3-oxidanyltetradecanoyl]oxy-6-phosphonooxy-oxan-2-yl]methoxy]-3-phosphonooxy-4-[(3~{R})-3-tetradecanoyloxytetradecanoyl]oxy-oxan-2-yl]methoxy]oxan-4-yl]oxy-4,5-bis(oxidanyl)oxane-2-carboxylic acid'
3 non-polymer 1,2-Distearoyl-sn-glycerophosphoethanolamine
#
_entity_poly.entity_id   1
_entity_poly.type   'polypeptide(L)'
_entity_poly.pdbx_seq_one_letter_code
;MHNDKDLSTWQTFRRLWPTIAPFKAGLIVAGVALILNAASDTFMLSLLKPLLDDGFGKTDRSVLVWMPLVVIGLMILRGI
TSYVSSYCISWVSGKVVMTMRRRLFGHMMGMPVSFFDKQSTGTLLSRITYDSEQVASSSSGALITVVREGASIIGLFIMM
FYYSWQLSIILIVLAPIVSIAIRVVSKRFRNISKNMQNTMGQVTTSAEQMLKGHKEVLIFGGQEVETKRFDKVSNRMRLQ
GMKMVSASSISDPIIQLIASLALAFVLYAASFPSVMDSLTAGTITVVFSSMIALMRPLKSLTNVNAQFQRGMAACQTLFT
ILDSEQEKDEGKRVIERATGDVEFRNVTFTYPGRDVPALRNINLKIPAGKTVALVGRSGSGKSTIASLITRFYDIDEGEI
LMDGHDLREYTLASLRNQVALVSQNVHLFNDTVANNIAYARTEQYSREQIEEAARMAYAMDFINKMDNGLDTVIGENGVL
LSGGQRQRIAIARALLRDSPILILDEATSALDTESERAIQAALDELQKNRTSLVIAHRLSTIEKADEIVVVEDGVIVERG
THNDLLEHRGVYAQLHKMQFGQ
;
_entity_poly.pdbx_strand_id   A,B
#
# COMPACT_ATOMS: atom_id res chain seq x y z
N THR A 12 -12.03 25.66 1.86
CA THR A 12 -10.76 25.01 2.16
C THR A 12 -9.61 25.74 1.48
N PHE A 13 -9.86 26.27 0.28
CA PHE A 13 -8.80 26.98 -0.45
C PHE A 13 -8.45 28.30 0.23
N ARG A 14 -9.39 28.92 0.93
CA ARG A 14 -9.07 30.13 1.67
C ARG A 14 -8.24 29.85 2.92
N ARG A 15 -8.18 28.60 3.38
CA ARG A 15 -7.26 28.20 4.43
C ARG A 15 -5.93 27.74 3.88
N LEU A 16 -5.87 27.24 2.65
CA LEU A 16 -4.65 26.78 2.03
C LEU A 16 -3.86 27.92 1.39
N TRP A 17 -4.53 28.99 0.98
CA TRP A 17 -3.87 30.13 0.35
C TRP A 17 -2.83 30.88 1.18
N PRO A 18 -2.92 30.96 2.52
CA PRO A 18 -1.76 31.48 3.27
C PRO A 18 -0.48 30.65 3.15
N THR A 19 -0.56 29.39 2.73
CA THR A 19 0.66 28.62 2.51
C THR A 19 1.22 28.85 1.11
N ILE A 20 0.34 29.00 0.11
CA ILE A 20 0.79 29.25 -1.26
C ILE A 20 1.15 30.71 -1.48
N ALA A 21 0.73 31.59 -0.58
CA ALA A 21 0.99 33.02 -0.75
C ALA A 21 2.46 33.44 -0.67
N PRO A 22 3.35 32.83 0.14
CA PRO A 22 4.79 33.12 -0.07
C PRO A 22 5.30 32.71 -1.44
N PHE A 23 4.83 31.60 -1.98
CA PHE A 23 5.27 31.11 -3.28
C PHE A 23 4.29 31.56 -4.36
N LYS A 24 4.00 32.86 -4.36
CA LYS A 24 3.05 33.45 -5.29
C LYS A 24 3.69 33.88 -6.59
N ALA A 25 4.97 34.24 -6.57
CA ALA A 25 5.67 34.66 -7.78
C ALA A 25 5.88 33.52 -8.77
N GLY A 26 5.84 32.28 -8.32
CA GLY A 26 5.93 31.16 -9.23
C GLY A 26 4.58 30.87 -9.88
N LEU A 27 3.50 31.30 -9.24
CA LEU A 27 2.17 31.09 -9.79
C LEU A 27 1.76 32.16 -10.80
N ILE A 28 2.46 33.29 -10.82
CA ILE A 28 2.25 34.30 -11.84
C ILE A 28 3.18 34.14 -13.04
N VAL A 29 4.44 33.76 -12.81
CA VAL A 29 5.35 33.41 -13.89
C VAL A 29 4.85 32.19 -14.67
N ALA A 30 4.45 31.12 -14.00
CA ALA A 30 3.82 30.00 -14.69
C ALA A 30 2.42 30.31 -15.16
N GLY A 31 1.69 31.17 -14.45
CA GLY A 31 0.36 31.56 -14.90
C GLY A 31 0.36 32.44 -16.13
N VAL A 32 1.44 33.16 -16.39
CA VAL A 32 1.61 33.91 -17.63
C VAL A 32 2.35 33.10 -18.67
N ALA A 33 2.95 31.98 -18.28
CA ALA A 33 3.51 31.04 -19.24
C ALA A 33 2.49 30.05 -19.75
N LEU A 34 1.48 29.70 -18.95
CA LEU A 34 0.39 28.86 -19.44
C LEU A 34 -0.48 29.58 -20.45
N ILE A 35 -0.72 30.88 -20.24
CA ILE A 35 -1.44 31.69 -21.20
C ILE A 35 -0.65 31.83 -22.50
N LEU A 36 0.64 32.09 -22.40
CA LEU A 36 1.54 32.16 -23.56
C LEU A 36 1.71 30.81 -24.25
N ASN A 37 1.55 29.70 -23.54
CA ASN A 37 1.50 28.38 -24.12
C ASN A 37 0.19 28.12 -24.85
N ALA A 38 -0.94 28.57 -24.29
CA ALA A 38 -2.23 28.42 -24.94
C ALA A 38 -2.46 29.43 -26.05
N ALA A 39 -1.70 30.53 -26.08
CA ALA A 39 -1.73 31.48 -27.17
C ALA A 39 -0.61 31.24 -28.17
N SER A 40 0.08 30.11 -28.05
CA SER A 40 1.09 29.73 -29.03
C SER A 40 0.62 28.64 -29.98
N ASP A 41 -0.27 27.75 -29.54
CA ASP A 41 -0.92 26.84 -30.47
C ASP A 41 -2.17 27.44 -31.09
N THR A 42 -2.74 28.48 -30.49
CA THR A 42 -3.78 29.27 -31.13
C THR A 42 -3.25 30.10 -32.29
N PHE A 43 -2.08 30.71 -32.12
CA PHE A 43 -1.44 31.45 -33.20
C PHE A 43 -0.81 30.53 -34.23
N MET A 44 -0.72 29.23 -33.95
CA MET A 44 -0.30 28.25 -34.93
C MET A 44 -1.45 27.67 -35.74
N LEU A 45 -2.64 27.58 -35.15
CA LEU A 45 -3.86 27.32 -35.92
C LEU A 45 -4.35 28.55 -36.66
N SER A 46 -3.84 29.73 -36.33
CA SER A 46 -4.07 30.94 -37.09
C SER A 46 -3.12 31.06 -38.26
N LEU A 47 -2.18 30.12 -38.41
CA LEU A 47 -1.27 30.09 -39.53
C LEU A 47 -1.81 29.24 -40.68
N LEU A 48 -3.00 28.67 -40.53
CA LEU A 48 -3.61 27.90 -41.59
C LEU A 48 -4.49 28.75 -42.49
N LYS A 49 -4.97 29.89 -42.00
CA LYS A 49 -5.63 30.84 -42.91
C LYS A 49 -4.66 31.46 -43.92
N PRO A 50 -3.47 32.04 -43.54
CA PRO A 50 -2.57 32.51 -44.60
C PRO A 50 -1.57 31.43 -45.02
N LEU A 51 -2.07 30.23 -45.22
CA LEU A 51 -1.29 29.18 -45.87
C LEU A 51 -2.16 28.52 -46.92
N LEU A 52 -3.45 28.44 -46.65
CA LEU A 52 -4.40 27.86 -47.59
C LEU A 52 -4.91 28.90 -48.57
N ASP A 53 -5.04 30.15 -48.12
CA ASP A 53 -5.45 31.24 -48.99
C ASP A 53 -4.26 31.93 -49.65
N ASP A 54 -3.38 32.52 -48.85
CA ASP A 54 -2.27 33.30 -49.37
C ASP A 54 -1.08 32.46 -49.77
N GLY A 55 -1.04 31.19 -49.41
CA GLY A 55 0.06 30.33 -49.78
C GLY A 55 -0.21 29.40 -50.93
N PHE A 56 -1.35 28.71 -50.90
CA PHE A 56 -1.65 27.70 -51.91
C PHE A 56 -2.77 28.16 -52.83
N GLY A 57 -3.68 28.97 -52.32
CA GLY A 57 -4.72 29.56 -53.16
C GLY A 57 -4.12 30.57 -54.11
N LYS A 58 -3.59 31.66 -53.55
CA LYS A 58 -2.80 32.63 -54.31
C LYS A 58 -1.36 32.19 -54.19
N THR A 59 -0.80 31.69 -55.30
CA THR A 59 0.56 31.17 -55.30
C THR A 59 1.56 32.30 -55.09
N ASP A 60 2.23 32.26 -53.94
CA ASP A 60 3.05 33.38 -53.49
C ASP A 60 4.53 33.05 -53.47
N ARG A 61 4.93 31.98 -52.76
CA ARG A 61 6.28 31.47 -52.49
C ARG A 61 7.03 32.36 -51.48
N SER A 62 6.54 33.57 -51.19
CA SER A 62 7.07 34.36 -50.10
C SER A 62 6.47 33.96 -48.76
N VAL A 63 5.21 33.54 -48.77
CA VAL A 63 4.54 33.06 -47.56
C VAL A 63 5.15 31.75 -47.08
N LEU A 64 5.42 30.83 -48.01
CA LEU A 64 5.80 29.46 -47.72
C LEU A 64 7.26 29.32 -47.28
N VAL A 65 8.01 30.41 -47.12
CA VAL A 65 9.35 30.37 -46.56
C VAL A 65 9.39 31.01 -45.18
N TRP A 66 8.50 31.95 -44.88
CA TRP A 66 8.44 32.45 -43.51
C TRP A 66 7.51 31.60 -42.65
N MET A 67 6.58 30.86 -43.27
CA MET A 67 5.73 29.95 -42.51
C MET A 67 6.47 28.80 -41.80
N PRO A 68 7.49 28.13 -42.38
CA PRO A 68 8.25 27.17 -41.56
C PRO A 68 8.95 27.78 -40.36
N LEU A 69 9.41 29.02 -40.46
CA LEU A 69 10.13 29.64 -39.35
C LEU A 69 9.22 30.12 -38.23
N VAL A 70 7.91 30.22 -38.47
CA VAL A 70 6.94 30.45 -37.40
C VAL A 70 6.27 29.15 -36.95
N VAL A 71 6.38 28.10 -37.75
CA VAL A 71 6.06 26.76 -37.26
C VAL A 71 7.04 26.35 -36.17
N ILE A 72 8.35 26.51 -36.41
CA ILE A 72 9.33 26.32 -35.36
C ILE A 72 9.37 27.49 -34.38
N GLY A 73 8.98 28.68 -34.81
CA GLY A 73 8.99 29.83 -33.94
C GLY A 73 7.92 29.77 -32.86
N LEU A 74 6.84 29.04 -33.12
CA LEU A 74 5.77 28.88 -32.16
C LEU A 74 5.81 27.50 -31.50
N MET A 75 6.82 26.71 -31.77
CA MET A 75 7.13 25.50 -30.99
C MET A 75 8.34 25.63 -30.10
N ILE A 76 9.29 26.49 -30.45
CA ILE A 76 10.27 26.92 -29.46
C ILE A 76 9.57 27.67 -28.33
N LEU A 77 8.64 28.57 -28.67
CA LEU A 77 7.83 29.24 -27.66
C LEU A 77 6.91 28.30 -26.91
N ARG A 78 6.24 27.38 -27.61
CA ARG A 78 5.40 26.38 -26.96
C ARG A 78 6.18 25.45 -26.05
N GLY A 79 7.34 24.98 -26.49
CA GLY A 79 8.20 24.17 -25.65
C GLY A 79 8.76 24.89 -24.45
N ILE A 80 9.18 26.14 -24.65
CA ILE A 80 9.74 26.94 -23.56
C ILE A 80 8.67 27.25 -22.53
N THR A 81 7.48 27.67 -22.96
CA THR A 81 6.41 27.95 -22.02
C THR A 81 5.71 26.69 -21.52
N SER A 82 5.97 25.53 -22.12
CA SER A 82 5.54 24.27 -21.53
C SER A 82 6.52 23.76 -20.50
N TYR A 83 7.79 24.17 -20.61
CA TYR A 83 8.75 23.81 -19.58
C TYR A 83 8.75 24.81 -18.44
N VAL A 84 8.58 26.11 -18.75
CA VAL A 84 8.57 27.13 -17.71
C VAL A 84 7.34 26.99 -16.82
N SER A 85 6.18 26.76 -17.41
CA SER A 85 4.95 26.65 -16.63
C SER A 85 4.81 25.31 -15.93
N SER A 86 5.62 24.32 -16.28
CA SER A 86 5.61 23.04 -15.58
C SER A 86 6.81 22.87 -14.67
N TYR A 87 7.71 23.84 -14.63
CA TYR A 87 8.74 23.92 -13.61
C TYR A 87 8.37 24.95 -12.56
N CYS A 88 7.67 26.00 -12.95
CA CYS A 88 7.34 27.05 -11.99
C CYS A 88 6.00 26.81 -11.31
N ILE A 89 5.26 25.77 -11.67
CA ILE A 89 4.16 25.28 -10.87
C ILE A 89 4.55 24.08 -10.03
N SER A 90 5.46 23.23 -10.51
CA SER A 90 5.98 22.13 -9.72
C SER A 90 7.13 22.56 -8.82
N TRP A 91 7.51 23.84 -8.85
CA TRP A 91 8.24 24.43 -7.76
C TRP A 91 7.30 25.01 -6.72
N VAL A 92 6.17 25.59 -7.15
CA VAL A 92 5.15 26.01 -6.20
C VAL A 92 4.48 24.80 -5.57
N SER A 93 4.07 23.82 -6.38
CA SER A 93 3.44 22.62 -5.84
C SER A 93 4.44 21.58 -5.37
N GLY A 94 5.70 21.97 -5.19
CA GLY A 94 6.65 21.19 -4.45
C GLY A 94 6.91 21.87 -3.12
N LYS A 95 6.97 23.20 -3.13
CA LYS A 95 7.20 23.94 -1.89
C LYS A 95 5.98 24.03 -1.01
N VAL A 96 4.77 24.11 -1.57
CA VAL A 96 3.54 23.99 -0.79
C VAL A 96 3.40 22.61 -0.17
N VAL A 97 3.75 21.56 -0.90
CA VAL A 97 3.83 20.21 -0.36
C VAL A 97 4.84 20.11 0.76
N MET A 98 6.02 20.71 0.58
CA MET A 98 7.07 20.67 1.59
C MET A 98 6.65 21.42 2.86
N THR A 99 6.02 22.59 2.71
CA THR A 99 5.54 23.35 3.85
C THR A 99 4.41 22.62 4.56
N MET A 100 3.49 22.02 3.82
CA MET A 100 2.38 21.25 4.38
C MET A 100 2.83 19.91 4.96
N ARG A 101 4.02 19.44 4.62
CA ARG A 101 4.60 18.26 5.24
C ARG A 101 5.35 18.59 6.51
N ARG A 102 6.11 19.68 6.53
CA ARG A 102 6.83 20.13 7.71
C ARG A 102 5.88 20.65 8.78
N ARG A 103 4.69 21.09 8.39
CA ARG A 103 3.70 21.55 9.36
C ARG A 103 2.83 20.42 9.88
N LEU A 104 2.57 19.39 9.06
CA LEU A 104 1.97 18.16 9.56
C LEU A 104 2.86 17.49 10.59
N PHE A 105 4.15 17.35 10.28
CA PHE A 105 5.10 16.66 11.15
C PHE A 105 5.32 17.42 12.45
N GLY A 106 5.32 18.76 12.38
CA GLY A 106 5.39 19.56 13.58
C GLY A 106 4.13 19.53 14.41
N HIS A 107 3.01 19.15 13.81
CA HIS A 107 1.75 18.91 14.52
C HIS A 107 1.46 17.42 14.65
N MET A 108 2.50 16.59 14.65
CA MET A 108 2.38 15.15 14.82
C MET A 108 3.46 14.57 15.70
N MET A 109 4.43 15.37 16.11
CA MET A 109 5.33 15.04 17.21
C MET A 109 4.91 15.74 18.50
N GLY A 110 3.72 16.32 18.52
CA GLY A 110 3.15 16.88 19.73
C GLY A 110 1.81 16.25 20.03
N MET A 111 1.39 15.32 19.19
CA MET A 111 0.13 14.62 19.40
C MET A 111 0.31 13.57 20.49
N PRO A 112 -0.79 13.18 21.15
CA PRO A 112 -0.68 12.09 22.13
C PRO A 112 -0.37 10.76 21.48
N VAL A 113 0.15 9.83 22.29
CA VAL A 113 0.43 8.48 21.83
C VAL A 113 -0.87 7.75 21.47
N SER A 114 -1.98 8.15 22.11
CA SER A 114 -3.28 7.54 21.83
C SER A 114 -3.75 7.83 20.41
N PHE A 115 -3.26 8.93 19.81
CA PHE A 115 -3.48 9.14 18.38
C PHE A 115 -2.75 8.07 17.58
N PHE A 116 -1.49 7.82 17.93
CA PHE A 116 -0.70 6.82 17.23
C PHE A 116 -1.12 5.39 17.58
N ASP A 117 -1.78 5.20 18.72
CA ASP A 117 -2.17 3.87 19.18
C ASP A 117 -3.57 3.58 18.67
N LYS A 118 -3.63 2.94 17.49
CA LYS A 118 -4.81 2.32 16.88
C LYS A 118 -5.91 3.29 16.46
N GLN A 119 -5.75 4.59 16.74
CA GLN A 119 -6.65 5.58 16.14
C GLN A 119 -6.26 5.81 14.69
N SER A 120 -4.97 5.86 14.41
CA SER A 120 -4.45 5.91 13.06
C SER A 120 -3.16 5.09 13.03
N THR A 121 -3.11 4.09 12.15
CA THR A 121 -2.01 3.15 12.10
C THR A 121 -0.84 3.71 11.29
N GLY A 122 0.09 2.86 10.88
CA GLY A 122 1.26 3.24 10.12
C GLY A 122 1.01 3.77 8.72
N THR A 123 -0.24 3.75 8.25
CA THR A 123 -0.62 4.36 6.98
C THR A 123 -0.78 5.87 7.08
N LEU A 124 -0.68 6.43 8.29
CA LEU A 124 -0.77 7.87 8.48
C LEU A 124 0.46 8.59 7.93
N LEU A 125 1.57 7.87 7.73
CA LEU A 125 2.70 8.36 6.94
C LEU A 125 2.28 8.73 5.52
N SER A 126 1.26 8.05 4.97
CA SER A 126 0.67 8.43 3.70
C SER A 126 0.16 9.87 3.71
N ARG A 127 -0.34 10.33 4.87
CA ARG A 127 -0.76 11.72 5.01
C ARG A 127 0.41 12.68 4.85
N ILE A 128 1.62 12.26 5.26
CA ILE A 128 2.80 13.01 4.89
C ILE A 128 3.13 12.82 3.41
N THR A 129 3.06 11.58 2.92
CA THR A 129 3.68 11.33 1.62
C THR A 129 2.70 11.45 0.47
N TYR A 130 1.66 10.62 0.45
CA TYR A 130 0.74 10.58 -0.66
C TYR A 130 -0.32 11.67 -0.59
N ASP A 131 -0.94 11.85 0.58
CA ASP A 131 -2.06 12.77 0.72
C ASP A 131 -1.64 14.23 0.68
N SER A 132 -0.46 14.57 1.19
CA SER A 132 0.07 15.91 1.06
C SER A 132 0.57 16.22 -0.34
N GLU A 133 0.86 15.19 -1.14
CA GLU A 133 1.18 15.37 -2.56
C GLU A 133 -0.08 15.45 -3.40
N GLN A 134 -1.09 14.65 -3.07
CA GLN A 134 -2.37 14.61 -3.76
C GLN A 134 -3.14 15.92 -3.73
N VAL A 135 -3.08 16.67 -2.63
CA VAL A 135 -3.72 17.98 -2.58
C VAL A 135 -3.10 18.99 -3.55
N ALA A 136 -1.78 19.06 -3.65
CA ALA A 136 -1.16 20.02 -4.57
C ALA A 136 -0.77 19.42 -5.91
N SER A 137 -1.04 18.15 -6.15
CA SER A 137 -1.04 17.64 -7.52
C SER A 137 -2.43 17.67 -8.14
N SER A 138 -3.45 17.98 -7.34
CA SER A 138 -4.80 18.15 -7.85
C SER A 138 -5.32 19.58 -7.72
N SER A 139 -4.62 20.44 -6.99
CA SER A 139 -4.94 21.86 -7.00
C SER A 139 -4.02 22.65 -7.91
N SER A 140 -2.88 22.09 -8.31
CA SER A 140 -2.05 22.68 -9.34
C SER A 140 -2.38 22.16 -10.73
N GLY A 141 -2.86 20.93 -10.83
CA GLY A 141 -3.42 20.45 -12.09
C GLY A 141 -4.78 21.03 -12.41
N ALA A 142 -5.49 21.54 -11.40
CA ALA A 142 -6.74 22.25 -11.59
C ALA A 142 -6.53 23.74 -11.82
N LEU A 143 -5.29 24.21 -11.77
CA LEU A 143 -4.94 25.56 -12.21
C LEU A 143 -4.31 25.56 -13.60
N ILE A 144 -3.58 24.51 -13.95
CA ILE A 144 -3.11 24.34 -15.32
C ILE A 144 -4.30 24.23 -16.28
N THR A 145 -5.31 23.45 -15.89
CA THR A 145 -6.54 23.34 -16.66
C THR A 145 -7.33 24.63 -16.74
N VAL A 146 -7.47 25.37 -15.62
CA VAL A 146 -8.20 26.63 -15.64
C VAL A 146 -7.47 27.72 -16.44
N VAL A 147 -6.16 27.85 -16.27
CA VAL A 147 -5.44 28.93 -16.94
C VAL A 147 -5.16 28.58 -18.40
N ARG A 148 -4.58 27.40 -18.64
CA ARG A 148 -4.22 27.01 -19.99
C ARG A 148 -5.44 26.71 -20.85
N GLU A 149 -6.24 25.73 -20.46
CA GLU A 149 -7.40 25.38 -21.27
C GLU A 149 -8.52 26.39 -21.15
N GLY A 150 -8.47 27.34 -20.22
CA GLY A 150 -9.41 28.43 -20.21
C GLY A 150 -8.89 29.60 -21.02
N ALA A 151 -7.59 29.62 -21.28
CA ALA A 151 -7.02 30.56 -22.22
C ALA A 151 -6.96 29.98 -23.63
N SER A 152 -7.05 28.67 -23.77
CA SER A 152 -7.23 28.07 -25.09
C SER A 152 -8.63 28.34 -25.61
N ILE A 153 -9.65 28.18 -24.75
CA ILE A 153 -11.04 28.45 -25.14
C ILE A 153 -11.22 29.91 -25.51
N ILE A 154 -10.63 30.81 -24.71
CA ILE A 154 -10.67 32.24 -24.98
C ILE A 154 -9.96 32.54 -26.29
N GLY A 155 -8.76 31.99 -26.46
CA GLY A 155 -7.97 32.21 -27.67
C GLY A 155 -8.57 31.66 -28.94
N LEU A 156 -9.05 30.42 -28.89
CA LEU A 156 -9.74 29.85 -30.04
C LEU A 156 -11.03 30.60 -30.33
N PHE A 157 -11.72 31.06 -29.30
CA PHE A 157 -12.95 31.81 -29.50
C PHE A 157 -12.72 33.30 -29.76
N ILE A 158 -11.49 33.80 -29.75
CA ILE A 158 -11.14 35.02 -30.46
C ILE A 158 -10.85 34.73 -31.93
N MET A 159 -10.18 33.61 -32.21
CA MET A 159 -9.77 33.31 -33.58
C MET A 159 -10.94 32.97 -34.48
N MET A 160 -11.95 32.26 -33.96
CA MET A 160 -13.14 31.98 -34.79
C MET A 160 -13.92 33.25 -35.10
N PHE A 161 -14.13 34.12 -34.10
CA PHE A 161 -14.86 35.36 -34.37
C PHE A 161 -14.06 36.34 -35.21
N TYR A 162 -12.73 36.24 -35.20
CA TYR A 162 -11.97 37.07 -36.13
C TYR A 162 -12.14 36.51 -37.53
N TYR A 163 -12.04 35.20 -37.69
CA TYR A 163 -12.06 34.63 -39.04
C TYR A 163 -13.46 34.41 -39.59
N SER A 164 -14.40 33.92 -38.79
CA SER A 164 -15.75 33.68 -39.29
C SER A 164 -16.74 33.84 -38.15
N TRP A 165 -17.36 35.02 -38.06
CA TRP A 165 -18.36 35.26 -37.03
C TRP A 165 -19.63 34.45 -37.24
N GLN A 166 -19.92 34.08 -38.50
CA GLN A 166 -21.13 33.32 -38.78
C GLN A 166 -21.02 31.89 -38.27
N LEU A 167 -19.85 31.28 -38.42
CA LEU A 167 -19.61 29.92 -37.94
C LEU A 167 -19.05 29.90 -36.53
N SER A 168 -19.34 30.91 -35.72
CA SER A 168 -18.88 30.95 -34.34
C SER A 168 -19.97 31.28 -33.34
N ILE A 169 -21.05 31.96 -33.77
CA ILE A 169 -22.25 32.06 -32.94
C ILE A 169 -22.85 30.68 -32.73
N ILE A 170 -22.80 29.84 -33.78
CA ILE A 170 -23.19 28.44 -33.66
C ILE A 170 -22.29 27.71 -32.67
N LEU A 171 -21.00 28.09 -32.62
CA LEU A 171 -20.08 27.45 -31.69
C LEU A 171 -20.37 27.85 -30.25
N ILE A 172 -20.63 29.14 -30.01
CA ILE A 172 -20.91 29.57 -28.64
C ILE A 172 -22.32 29.17 -28.20
N VAL A 173 -23.16 28.74 -29.13
CA VAL A 173 -24.39 28.06 -28.74
C VAL A 173 -24.11 26.60 -28.39
N LEU A 174 -23.36 25.89 -29.26
CA LEU A 174 -23.22 24.44 -29.13
C LEU A 174 -22.25 24.03 -28.02
N ALA A 175 -21.23 24.83 -27.74
CA ALA A 175 -20.23 24.45 -26.74
C ALA A 175 -20.75 24.39 -25.31
N PRO A 176 -21.72 25.21 -24.87
CA PRO A 176 -22.45 24.85 -23.64
C PRO A 176 -23.18 23.51 -23.72
N ILE A 177 -23.74 23.14 -24.87
CA ILE A 177 -24.45 21.86 -24.98
C ILE A 177 -23.48 20.70 -24.90
N VAL A 178 -22.35 20.78 -25.62
CA VAL A 178 -21.29 19.78 -25.50
C VAL A 178 -20.70 19.73 -24.10
N SER A 179 -20.50 20.88 -23.45
CA SER A 179 -20.01 20.93 -22.09
C SER A 179 -20.97 20.27 -21.10
N ILE A 180 -22.27 20.50 -21.27
CA ILE A 180 -23.30 19.84 -20.46
C ILE A 180 -23.27 18.33 -20.68
N ALA A 181 -23.09 17.92 -21.94
CA ALA A 181 -23.01 16.49 -22.26
C ALA A 181 -21.80 15.83 -21.62
N ILE A 182 -20.63 16.47 -21.69
CA ILE A 182 -19.42 15.97 -21.03
C ILE A 182 -19.60 15.90 -19.52
N ARG A 183 -20.25 16.90 -18.94
CA ARG A 183 -20.48 16.92 -17.49
C ARG A 183 -21.38 15.78 -17.04
N VAL A 184 -22.49 15.54 -17.76
CA VAL A 184 -23.42 14.49 -17.31
C VAL A 184 -22.85 13.11 -17.59
N VAL A 185 -22.10 12.94 -18.68
CA VAL A 185 -21.51 11.64 -19.00
C VAL A 185 -20.37 11.31 -18.04
N SER A 186 -19.55 12.30 -17.68
CA SER A 186 -18.50 12.05 -16.70
C SER A 186 -19.07 11.87 -15.30
N LYS A 187 -20.20 12.54 -15.00
CA LYS A 187 -20.86 12.37 -13.71
C LYS A 187 -21.42 10.97 -13.56
N ARG A 188 -21.90 10.38 -14.67
CA ARG A 188 -22.35 8.99 -14.65
C ARG A 188 -21.20 8.04 -14.29
N PHE A 189 -20.03 8.24 -14.90
CA PHE A 189 -18.87 7.38 -14.64
C PHE A 189 -18.40 7.55 -13.20
N ARG A 190 -18.39 8.79 -12.69
CA ARG A 190 -18.01 9.02 -11.30
C ARG A 190 -19.01 8.40 -10.33
N ASN A 191 -20.30 8.39 -10.70
CA ASN A 191 -21.32 7.75 -9.87
C ASN A 191 -21.12 6.25 -9.79
N ILE A 192 -20.89 5.58 -10.93
CA ILE A 192 -20.68 4.13 -10.93
C ILE A 192 -19.39 3.76 -10.19
N SER A 193 -18.33 4.56 -10.39
CA SER A 193 -17.06 4.27 -9.74
C SER A 193 -17.14 4.44 -8.23
N LYS A 194 -17.74 5.53 -7.76
CA LYS A 194 -17.84 5.77 -6.33
C LYS A 194 -18.89 4.88 -5.68
N ASN A 195 -19.70 4.20 -6.51
CA ASN A 195 -20.65 3.20 -5.95
C ASN A 195 -19.92 1.85 -5.91
N MET A 196 -19.21 1.51 -6.99
CA MET A 196 -18.47 0.21 -7.08
C MET A 196 -17.35 0.15 -6.04
N GLN A 197 -16.66 1.27 -5.78
CA GLN A 197 -15.51 1.29 -4.82
C GLN A 197 -15.75 0.33 -3.65
N ASN A 198 -16.95 0.32 -3.08
CA ASN A 198 -17.24 -0.50 -1.90
C ASN A 198 -17.19 -1.98 -2.22
N THR A 199 -17.70 -2.37 -3.39
CA THR A 199 -17.65 -3.79 -3.76
C THR A 199 -16.25 -4.22 -4.17
N MET A 200 -15.44 -3.31 -4.73
CA MET A 200 -14.03 -3.66 -4.95
C MET A 200 -13.32 -3.90 -3.63
N GLY A 201 -13.59 -3.05 -2.64
CA GLY A 201 -13.04 -3.27 -1.30
C GLY A 201 -13.52 -4.58 -0.69
N GLN A 202 -14.79 -4.92 -0.92
CA GLN A 202 -15.34 -6.17 -0.41
C GLN A 202 -14.67 -7.38 -1.05
N VAL A 203 -14.42 -7.35 -2.36
CA VAL A 203 -13.83 -8.53 -3.00
C VAL A 203 -12.33 -8.63 -2.71
N THR A 204 -11.62 -7.50 -2.54
CA THR A 204 -10.21 -7.65 -2.17
C THR A 204 -10.07 -8.06 -0.70
N THR A 205 -11.03 -7.68 0.15
CA THR A 205 -11.04 -8.17 1.52
C THR A 205 -11.35 -9.67 1.57
N SER A 206 -12.33 -10.10 0.76
CA SER A 206 -12.68 -11.51 0.68
C SER A 206 -11.64 -12.34 -0.06
N ALA A 207 -10.68 -11.71 -0.73
CA ALA A 207 -9.51 -12.45 -1.20
C ALA A 207 -8.36 -12.42 -0.21
N GLU A 208 -8.25 -11.34 0.59
CA GLU A 208 -7.24 -11.25 1.64
C GLU A 208 -7.45 -12.29 2.74
N GLN A 209 -8.71 -12.46 3.17
CA GLN A 209 -8.98 -13.28 4.34
C GLN A 209 -8.73 -14.77 4.10
N MET A 210 -8.79 -15.23 2.86
CA MET A 210 -8.43 -16.61 2.54
C MET A 210 -6.92 -16.83 2.57
N LEU A 211 -6.16 -15.77 2.38
CA LEU A 211 -4.71 -15.83 2.20
C LEU A 211 -3.95 -15.61 3.50
N LYS A 212 -4.55 -14.95 4.49
CA LYS A 212 -4.01 -14.89 5.83
C LYS A 212 -4.23 -16.17 6.61
N GLY A 213 -5.08 -17.06 6.10
CA GLY A 213 -5.42 -18.28 6.76
C GLY A 213 -4.99 -19.51 5.99
N HIS A 214 -3.77 -19.51 5.45
CA HIS A 214 -3.23 -20.68 4.78
C HIS A 214 -3.14 -21.87 5.74
N LYS A 215 -2.53 -21.65 6.91
CA LYS A 215 -2.71 -22.58 8.00
C LYS A 215 -4.16 -22.51 8.46
N GLU A 216 -4.68 -23.64 8.95
CA GLU A 216 -6.09 -23.96 9.24
C GLU A 216 -6.92 -24.02 7.96
N VAL A 217 -6.29 -24.06 6.79
CA VAL A 217 -6.88 -24.62 5.57
C VAL A 217 -6.29 -25.98 5.26
N LEU A 218 -4.96 -26.10 5.40
CA LEU A 218 -4.30 -27.38 5.21
C LEU A 218 -4.66 -28.36 6.31
N ILE A 219 -4.99 -27.86 7.50
CA ILE A 219 -5.32 -28.73 8.62
C ILE A 219 -6.68 -29.39 8.41
N PHE A 220 -7.69 -28.58 8.09
CA PHE A 220 -9.05 -29.11 8.04
C PHE A 220 -9.36 -29.72 6.68
N GLY A 221 -8.43 -29.60 5.73
CA GLY A 221 -8.55 -30.24 4.45
C GLY A 221 -9.24 -29.43 3.38
N GLY A 222 -9.52 -28.15 3.63
CA GLY A 222 -10.25 -27.34 2.68
C GLY A 222 -9.40 -26.71 1.60
N GLN A 223 -8.61 -27.52 0.89
CA GLN A 223 -7.82 -27.04 -0.24
C GLN A 223 -8.56 -27.18 -1.56
N GLU A 224 -9.76 -27.77 -1.55
CA GLU A 224 -10.61 -27.81 -2.73
C GLU A 224 -11.90 -27.05 -2.53
N VAL A 225 -12.24 -26.69 -1.29
CA VAL A 225 -13.32 -25.76 -1.00
C VAL A 225 -12.85 -24.32 -1.16
N GLU A 226 -11.61 -24.02 -0.74
CA GLU A 226 -10.99 -22.73 -0.91
C GLU A 226 -10.79 -22.33 -2.37
N THR A 227 -10.52 -23.28 -3.26
CA THR A 227 -10.43 -23.00 -4.68
C THR A 227 -11.76 -23.13 -5.38
N LYS A 228 -12.84 -23.40 -4.64
CA LYS A 228 -14.19 -23.26 -5.15
C LYS A 228 -14.84 -21.99 -4.65
N ARG A 229 -14.23 -21.31 -3.68
CA ARG A 229 -14.62 -19.97 -3.30
C ARG A 229 -13.80 -18.90 -4.01
N PHE A 230 -12.56 -19.20 -4.40
CA PHE A 230 -11.84 -18.25 -5.23
C PHE A 230 -12.32 -18.28 -6.67
N ASP A 231 -12.98 -19.36 -7.08
CA ASP A 231 -13.64 -19.36 -8.37
C ASP A 231 -14.90 -18.51 -8.40
N LYS A 232 -15.37 -18.04 -7.25
CA LYS A 232 -16.56 -17.20 -7.18
C LYS A 232 -16.27 -15.77 -6.76
N VAL A 233 -15.03 -15.45 -6.38
CA VAL A 233 -14.64 -14.06 -6.14
C VAL A 233 -13.75 -13.52 -7.25
N SER A 234 -12.88 -14.34 -7.84
CA SER A 234 -12.18 -13.94 -9.04
C SER A 234 -13.08 -13.85 -10.25
N ASN A 235 -14.25 -14.49 -10.22
CA ASN A 235 -15.32 -14.26 -11.18
C ASN A 235 -16.19 -13.07 -10.79
N ARG A 236 -15.93 -12.46 -9.64
CA ARG A 236 -16.61 -11.24 -9.25
C ARG A 236 -15.71 -10.02 -9.32
N MET A 237 -14.39 -10.20 -9.40
CA MET A 237 -13.52 -9.11 -9.81
C MET A 237 -13.44 -8.98 -11.32
N ARG A 238 -13.65 -10.09 -12.05
CA ARG A 238 -13.67 -10.03 -13.50
C ARG A 238 -14.89 -9.26 -13.99
N LEU A 239 -16.06 -9.62 -13.47
CA LEU A 239 -17.31 -8.97 -13.87
C LEU A 239 -17.45 -7.57 -13.31
N GLN A 240 -16.57 -7.15 -12.41
CA GLN A 240 -16.53 -5.77 -11.95
C GLN A 240 -15.54 -4.91 -12.72
N GLY A 241 -14.49 -5.52 -13.29
CA GLY A 241 -13.64 -4.81 -14.21
C GLY A 241 -14.35 -4.64 -15.54
N MET A 242 -15.19 -5.62 -15.86
CA MET A 242 -16.06 -5.49 -17.03
C MET A 242 -17.21 -4.52 -16.81
N LYS A 243 -17.39 -3.97 -15.60
CA LYS A 243 -18.33 -2.87 -15.43
C LYS A 243 -17.66 -1.51 -15.41
N MET A 244 -16.36 -1.43 -15.09
CA MET A 244 -15.58 -0.27 -15.54
C MET A 244 -15.55 -0.16 -17.06
N VAL A 245 -15.21 -1.24 -17.75
CA VAL A 245 -14.95 -1.09 -19.18
C VAL A 245 -16.24 -1.14 -19.99
N SER A 246 -17.38 -1.32 -19.31
CA SER A 246 -18.67 -1.06 -19.94
C SER A 246 -19.23 0.29 -19.51
N ALA A 247 -18.51 1.03 -18.67
CA ALA A 247 -18.91 2.38 -18.28
C ALA A 247 -17.84 3.43 -18.54
N SER A 248 -16.56 3.07 -18.52
CA SER A 248 -15.50 3.99 -18.89
C SER A 248 -15.22 3.97 -20.38
N SER A 249 -15.78 3.00 -21.11
CA SER A 249 -15.59 2.90 -22.55
C SER A 249 -16.85 3.22 -23.33
N ILE A 250 -17.98 3.45 -22.67
CA ILE A 250 -19.17 4.02 -23.28
C ILE A 250 -19.20 5.53 -23.10
N SER A 251 -18.34 6.07 -22.24
CA SER A 251 -18.35 7.50 -21.96
C SER A 251 -17.79 8.32 -23.12
N ASP A 252 -16.55 8.05 -23.51
CA ASP A 252 -15.89 8.85 -24.53
C ASP A 252 -16.45 8.66 -25.94
N PRO A 253 -16.91 7.46 -26.38
CA PRO A 253 -17.71 7.42 -27.62
C PRO A 253 -18.96 8.28 -27.62
N ILE A 254 -19.69 8.33 -26.50
CA ILE A 254 -20.88 9.17 -26.41
C ILE A 254 -20.48 10.64 -26.46
N ILE A 255 -19.40 10.99 -25.78
CA ILE A 255 -18.91 12.38 -25.73
C ILE A 255 -18.49 12.85 -27.12
N GLN A 256 -17.68 12.06 -27.81
CA GLN A 256 -17.21 12.47 -29.13
C GLN A 256 -18.20 12.17 -30.25
N LEU A 257 -19.33 11.51 -29.96
CA LEU A 257 -20.43 11.48 -30.91
C LEU A 257 -21.34 12.69 -30.76
N ILE A 258 -21.59 13.12 -29.52
CA ILE A 258 -22.33 14.37 -29.28
C ILE A 258 -21.54 15.56 -29.81
N ALA A 259 -20.21 15.55 -29.64
CA ALA A 259 -19.38 16.62 -30.19
C ALA A 259 -19.36 16.59 -31.71
N SER A 260 -19.38 15.40 -32.30
CA SER A 260 -19.39 15.32 -33.75
C SER A 260 -20.74 15.70 -34.32
N LEU A 261 -21.81 15.59 -33.53
CA LEU A 261 -23.09 16.15 -33.92
C LEU A 261 -23.00 17.66 -34.06
N ALA A 262 -22.30 18.32 -33.12
CA ALA A 262 -22.02 19.74 -33.24
C ALA A 262 -21.11 20.07 -34.42
N LEU A 263 -20.08 19.25 -34.66
CA LEU A 263 -19.22 19.39 -35.83
C LEU A 263 -19.99 19.26 -37.13
N ALA A 264 -20.94 18.34 -37.21
CA ALA A 264 -21.75 18.20 -38.41
C ALA A 264 -22.77 19.31 -38.53
N PHE A 265 -23.28 19.85 -37.42
CA PHE A 265 -24.17 20.99 -37.50
C PHE A 265 -23.45 22.22 -38.03
N VAL A 266 -22.21 22.45 -37.57
CA VAL A 266 -21.40 23.54 -38.10
C VAL A 266 -21.00 23.30 -39.55
N LEU A 267 -20.72 22.05 -39.93
CA LEU A 267 -20.43 21.71 -41.31
C LEU A 267 -21.63 21.87 -42.24
N TYR A 268 -22.84 21.54 -41.76
CA TYR A 268 -24.05 21.73 -42.55
C TYR A 268 -24.45 23.19 -42.61
N ALA A 269 -24.18 23.98 -41.57
CA ALA A 269 -24.43 25.40 -41.60
C ALA A 269 -23.49 26.16 -42.52
N ALA A 270 -22.35 25.57 -42.89
CA ALA A 270 -21.41 26.19 -43.81
C ALA A 270 -21.78 25.94 -45.27
N SER A 271 -22.86 25.20 -45.53
CA SER A 271 -23.36 25.02 -46.88
C SER A 271 -24.37 26.07 -47.28
N PHE A 272 -24.79 26.92 -46.36
CA PHE A 272 -25.78 27.93 -46.66
C PHE A 272 -25.13 29.10 -47.41
N PRO A 273 -25.86 29.71 -48.36
CA PRO A 273 -25.28 30.83 -49.11
C PRO A 273 -25.06 32.09 -48.27
N SER A 274 -25.74 32.21 -47.12
CA SER A 274 -25.45 33.32 -46.22
C SER A 274 -24.12 33.13 -45.51
N VAL A 275 -23.78 31.89 -45.15
CA VAL A 275 -22.54 31.61 -44.45
C VAL A 275 -21.40 31.38 -45.43
N MET A 276 -21.64 30.59 -46.48
CA MET A 276 -20.65 30.43 -47.53
C MET A 276 -20.62 31.68 -48.40
N ASP A 277 -19.60 31.76 -49.27
CA ASP A 277 -19.19 32.88 -50.12
C ASP A 277 -18.63 34.04 -49.30
N SER A 278 -18.55 33.87 -47.98
CA SER A 278 -17.78 34.71 -47.09
C SER A 278 -16.72 33.88 -46.36
N LEU A 279 -16.72 32.57 -46.59
CA LEU A 279 -15.71 31.67 -46.06
C LEU A 279 -14.73 31.36 -47.19
N THR A 280 -13.46 31.69 -46.98
CA THR A 280 -12.44 31.38 -47.95
C THR A 280 -11.89 29.99 -47.65
N ALA A 281 -10.91 29.56 -48.46
CA ALA A 281 -10.34 28.22 -48.31
C ALA A 281 -9.46 28.09 -47.07
N GLY A 282 -9.04 29.18 -46.46
CA GLY A 282 -8.27 29.12 -45.24
C GLY A 282 -9.11 29.28 -44.00
N THR A 283 -10.16 30.08 -44.12
CA THR A 283 -11.07 30.31 -43.00
C THR A 283 -11.84 29.04 -42.65
N ILE A 284 -12.15 28.22 -43.66
CA ILE A 284 -12.87 26.97 -43.43
C ILE A 284 -11.95 25.99 -42.69
N THR A 285 -10.64 26.08 -42.90
CA THR A 285 -9.70 25.18 -42.25
C THR A 285 -9.49 25.55 -40.79
N VAL A 286 -9.46 26.85 -40.48
CA VAL A 286 -9.15 27.29 -39.13
C VAL A 286 -10.31 26.98 -38.18
N VAL A 287 -11.54 27.23 -38.62
CA VAL A 287 -12.70 27.03 -37.74
C VAL A 287 -13.13 25.57 -37.73
N PHE A 288 -12.42 24.72 -38.47
CA PHE A 288 -12.66 23.29 -38.44
C PHE A 288 -11.44 22.50 -37.98
N SER A 289 -10.34 23.16 -37.66
CA SER A 289 -9.22 22.53 -36.97
C SER A 289 -9.07 23.05 -35.56
N SER A 290 -9.59 24.24 -35.28
CA SER A 290 -9.63 24.71 -33.91
C SER A 290 -10.80 24.11 -33.14
N MET A 291 -11.85 23.68 -33.83
CA MET A 291 -12.92 22.95 -33.16
C MET A 291 -12.45 21.57 -32.71
N ILE A 292 -11.62 20.91 -33.51
CA ILE A 292 -10.96 19.69 -33.06
C ILE A 292 -9.99 19.97 -31.93
N ALA A 293 -9.39 21.16 -31.91
CA ALA A 293 -8.55 21.61 -30.82
C ALA A 293 -9.35 22.26 -29.71
N LEU A 294 -10.68 22.32 -29.83
CA LEU A 294 -11.55 22.82 -28.77
C LEU A 294 -12.03 21.69 -27.86
N MET A 295 -11.91 20.44 -28.30
CA MET A 295 -12.30 19.29 -27.50
C MET A 295 -11.49 19.07 -26.24
N ARG A 296 -10.18 19.21 -26.28
CA ARG A 296 -9.43 18.97 -25.06
C ARG A 296 -9.57 20.14 -24.08
N PRO A 297 -9.63 21.42 -24.50
CA PRO A 297 -10.11 22.44 -23.55
C PRO A 297 -11.52 22.22 -23.02
N LEU A 298 -12.46 21.76 -23.83
CA LEU A 298 -13.84 21.60 -23.34
C LEU A 298 -13.97 20.41 -22.40
N LYS A 299 -13.21 19.35 -22.66
CA LYS A 299 -13.28 18.18 -21.78
C LYS A 299 -12.60 18.44 -20.45
N SER A 300 -11.49 19.20 -20.47
CA SER A 300 -10.76 19.46 -19.23
C SER A 300 -11.47 20.48 -18.36
N LEU A 301 -12.02 21.53 -18.97
CA LEU A 301 -12.61 22.62 -18.20
C LEU A 301 -13.97 22.27 -17.62
N THR A 302 -14.57 21.15 -18.01
CA THR A 302 -15.77 20.65 -17.35
C THR A 302 -15.46 19.54 -16.36
N ASN A 303 -14.18 19.21 -16.20
CA ASN A 303 -13.76 18.21 -15.22
C ASN A 303 -12.74 18.78 -14.24
N VAL A 304 -12.53 20.11 -14.27
CA VAL A 304 -11.64 20.74 -13.29
C VAL A 304 -12.28 20.73 -11.91
N ASN A 305 -13.60 20.94 -11.83
CA ASN A 305 -14.30 20.87 -10.57
C ASN A 305 -14.41 19.45 -10.03
N ALA A 306 -14.22 18.45 -10.87
CA ALA A 306 -14.06 17.08 -10.43
C ALA A 306 -12.60 16.74 -10.11
N GLN A 307 -11.70 17.71 -10.24
CA GLN A 307 -10.31 17.57 -9.83
C GLN A 307 -9.95 18.46 -8.65
N PHE A 308 -10.37 19.72 -8.68
CA PHE A 308 -10.19 20.65 -7.57
C PHE A 308 -10.95 20.22 -6.32
N GLN A 309 -12.08 19.52 -6.47
CA GLN A 309 -12.81 18.99 -5.32
C GLN A 309 -12.38 17.58 -4.99
N ARG A 310 -11.32 17.07 -5.63
CA ARG A 310 -10.57 15.93 -5.11
C ARG A 310 -9.27 16.35 -4.44
N GLY A 311 -8.84 17.59 -4.65
CA GLY A 311 -7.69 18.15 -3.97
C GLY A 311 -8.09 18.80 -2.67
N MET A 312 -9.15 19.60 -2.69
CA MET A 312 -9.66 20.22 -1.47
C MET A 312 -10.36 19.23 -0.55
N ALA A 313 -10.86 18.12 -1.09
CA ALA A 313 -11.36 17.03 -0.26
C ALA A 313 -10.25 16.12 0.22
N ALA A 314 -9.07 16.19 -0.39
CA ALA A 314 -7.87 15.59 0.16
C ALA A 314 -7.09 16.59 1.01
N CYS A 315 -7.53 17.84 1.06
CA CYS A 315 -6.99 18.85 1.95
C CYS A 315 -7.73 18.89 3.27
N GLN A 316 -8.96 18.39 3.31
CA GLN A 316 -9.74 18.36 4.54
C GLN A 316 -9.64 17.03 5.26
N THR A 317 -8.87 16.08 4.74
CA THR A 317 -8.46 14.91 5.52
C THR A 317 -7.09 15.11 6.14
N LEU A 318 -6.43 16.23 5.87
CA LEU A 318 -5.19 16.58 6.53
C LEU A 318 -5.33 17.85 7.38
N PHE A 319 -6.36 18.66 7.16
CA PHE A 319 -6.62 19.79 8.04
C PHE A 319 -7.53 19.40 9.21
N THR A 320 -7.77 18.11 9.40
CA THR A 320 -8.27 17.62 10.68
C THR A 320 -7.12 17.25 11.60
N ILE A 321 -6.05 16.68 11.06
CA ILE A 321 -4.84 16.44 11.82
C ILE A 321 -4.15 17.74 12.18
N LEU A 322 -4.30 18.77 11.34
CA LEU A 322 -3.82 20.10 11.65
C LEU A 322 -4.74 20.86 12.58
N ASP A 323 -5.95 20.34 12.83
CA ASP A 323 -6.88 20.94 13.76
C ASP A 323 -7.19 20.08 14.97
N SER A 324 -6.63 18.87 15.04
CA SER A 324 -6.81 18.01 16.21
C SER A 324 -6.03 18.58 17.38
N GLU A 325 -6.45 18.24 18.59
CA GLU A 325 -5.81 18.72 19.80
C GLU A 325 -4.51 17.96 20.00
N GLN A 326 -3.43 18.70 20.28
CA GLN A 326 -2.16 18.08 20.60
C GLN A 326 -2.19 17.55 22.04
N GLU A 327 -1.09 16.94 22.45
CA GLU A 327 -1.01 16.45 23.83
C GLU A 327 -0.89 17.63 24.80
N LYS A 328 -1.50 17.47 25.96
CA LYS A 328 -1.82 18.60 26.82
C LYS A 328 -0.66 18.90 27.75
N ASP A 329 0.06 19.99 27.48
CA ASP A 329 1.11 20.48 28.36
C ASP A 329 0.55 21.59 29.26
N GLU A 330 -0.41 21.21 30.09
CA GLU A 330 -1.10 22.15 30.98
C GLU A 330 -0.41 22.17 32.35
N GLY A 331 0.90 22.38 32.31
CA GLY A 331 1.68 22.42 33.53
C GLY A 331 2.81 23.42 33.41
N LYS A 332 3.20 23.99 34.56
CA LYS A 332 4.16 25.09 34.61
C LYS A 332 5.37 24.82 35.48
N ARG A 333 5.33 23.83 36.37
CA ARG A 333 6.47 23.54 37.24
C ARG A 333 7.50 22.70 36.51
N VAL A 334 8.77 22.87 36.86
CA VAL A 334 9.87 22.14 36.24
C VAL A 334 10.62 21.36 37.31
N ILE A 335 11.05 20.15 36.95
CA ILE A 335 11.81 19.29 37.84
C ILE A 335 13.23 19.22 37.30
N GLU A 336 14.18 19.81 38.03
CA GLU A 336 15.58 19.69 37.64
C GLU A 336 16.09 18.27 37.90
N ARG A 337 15.76 17.71 39.06
CA ARG A 337 16.08 16.33 39.39
C ARG A 337 15.05 15.83 40.41
N ALA A 338 14.42 14.71 40.09
CA ALA A 338 13.34 14.16 40.92
C ALA A 338 13.92 13.06 41.79
N THR A 339 14.43 13.44 42.96
CA THR A 339 14.86 12.45 43.94
C THR A 339 13.70 11.95 44.78
N GLY A 340 12.53 12.58 44.65
CA GLY A 340 11.40 12.18 45.45
C GLY A 340 10.79 10.88 44.98
N ASP A 341 9.95 10.32 45.86
CA ASP A 341 9.34 9.02 45.61
C ASP A 341 8.10 9.19 44.74
N VAL A 342 7.96 8.33 43.73
CA VAL A 342 6.77 8.36 42.89
C VAL A 342 5.69 7.53 43.56
N GLU A 343 4.60 8.17 43.94
CA GLU A 343 3.55 7.56 44.76
C GLU A 343 2.23 7.55 44.01
N PHE A 344 1.69 6.36 43.75
CA PHE A 344 0.38 6.28 43.14
C PHE A 344 -0.68 6.49 44.22
N ARG A 345 -1.59 7.44 43.99
CA ARG A 345 -2.60 7.84 44.98
C ARG A 345 -3.96 7.72 44.31
N ASN A 346 -4.63 6.60 44.60
CA ASN A 346 -6.01 6.30 44.18
C ASN A 346 -6.17 6.33 42.65
N VAL A 347 -5.11 5.88 41.97
CA VAL A 347 -4.99 5.99 40.52
C VAL A 347 -5.84 4.92 39.85
N THR A 348 -6.70 5.34 38.92
CA THR A 348 -7.51 4.44 38.12
C THR A 348 -7.48 4.91 36.68
N PHE A 349 -7.26 3.99 35.74
CA PHE A 349 -7.05 4.36 34.34
C PHE A 349 -7.72 3.37 33.41
N THR A 350 -8.35 3.91 32.37
CA THR A 350 -8.94 3.12 31.29
C THR A 350 -8.29 3.52 29.97
N TYR A 351 -8.18 2.56 29.06
CA TYR A 351 -7.61 2.84 27.75
C TYR A 351 -8.56 3.70 26.91
N PRO A 352 -8.05 4.72 26.20
CA PRO A 352 -8.86 5.37 25.17
C PRO A 352 -9.19 4.42 24.04
N GLY A 353 -10.38 4.58 23.47
CA GLY A 353 -10.85 3.66 22.46
C GLY A 353 -11.37 2.34 22.99
N ARG A 354 -11.52 2.22 24.31
CA ARG A 354 -12.02 0.99 24.92
C ARG A 354 -12.75 1.36 26.21
N ASP A 355 -13.55 0.41 26.71
CA ASP A 355 -14.36 0.65 27.90
C ASP A 355 -13.91 -0.13 29.12
N VAL A 356 -13.17 -1.22 28.96
CA VAL A 356 -12.70 -1.97 30.13
C VAL A 356 -11.55 -1.22 30.79
N PRO A 357 -11.45 -1.23 32.11
CA PRO A 357 -10.31 -0.57 32.76
C PRO A 357 -9.09 -1.49 32.80
N ALA A 358 -8.00 -1.00 32.21
CA ALA A 358 -6.73 -1.71 32.25
C ALA A 358 -5.94 -1.46 33.52
N LEU A 359 -6.36 -0.50 34.34
CA LEU A 359 -5.71 -0.19 35.60
C LEU A 359 -6.78 0.24 36.59
N ARG A 360 -7.10 -0.64 37.54
CA ARG A 360 -8.09 -0.32 38.56
C ARG A 360 -7.47 0.55 39.66
N ASN A 361 -8.24 0.72 40.74
CA ASN A 361 -7.84 1.59 41.85
C ASN A 361 -6.61 1.03 42.56
N ILE A 362 -5.47 1.69 42.36
CA ILE A 362 -4.17 1.10 42.67
C ILE A 362 -3.32 2.13 43.41
N ASN A 363 -2.75 1.71 44.54
CA ASN A 363 -1.75 2.47 45.27
C ASN A 363 -0.43 1.69 45.20
N LEU A 364 0.61 2.32 44.62
CA LEU A 364 1.88 1.63 44.39
C LEU A 364 3.02 2.58 44.79
N LYS A 365 3.81 2.13 45.76
CA LYS A 365 5.01 2.88 46.16
C LYS A 365 6.21 2.46 45.32
N ILE A 366 6.87 3.46 44.73
CA ILE A 366 8.14 3.23 44.03
C ILE A 366 9.23 3.96 44.81
N PRO A 367 9.98 3.28 45.66
CA PRO A 367 11.00 3.95 46.47
C PRO A 367 12.21 4.36 45.65
N ALA A 368 12.86 5.44 46.09
CA ALA A 368 14.02 5.95 45.39
C ALA A 368 15.23 5.04 45.61
N GLY A 369 15.82 4.58 44.51
CA GLY A 369 16.94 3.66 44.58
C GLY A 369 16.56 2.21 44.77
N LYS A 370 15.27 1.89 44.82
CA LYS A 370 14.80 0.52 45.01
C LYS A 370 14.01 0.07 43.78
N THR A 371 14.09 -1.22 43.49
CA THR A 371 13.50 -1.78 42.29
C THR A 371 12.13 -2.38 42.61
N VAL A 372 11.12 -1.94 41.89
CA VAL A 372 9.76 -2.50 42.01
C VAL A 372 9.55 -3.37 40.78
N ALA A 373 9.84 -4.66 40.92
CA ALA A 373 9.70 -5.59 39.81
C ALA A 373 8.23 -5.97 39.63
N LEU A 374 7.74 -5.82 38.40
CA LEU A 374 6.38 -6.23 38.07
C LEU A 374 6.42 -7.69 37.62
N VAL A 375 6.24 -8.58 38.60
CA VAL A 375 6.34 -10.02 38.35
C VAL A 375 5.07 -10.56 37.68
N GLY A 376 4.02 -9.75 37.56
CA GLY A 376 2.83 -10.13 36.83
C GLY A 376 3.06 -10.24 35.34
N ARG A 377 2.09 -10.77 34.61
CA ARG A 377 2.25 -11.04 33.19
C ARG A 377 0.90 -10.95 32.48
N SER A 378 0.87 -11.52 31.27
CA SER A 378 -0.29 -11.66 30.38
C SER A 378 -0.81 -10.32 29.87
N GLY A 379 0.02 -9.27 29.93
CA GLY A 379 -0.30 -8.00 29.28
C GLY A 379 -1.48 -7.26 29.84
N SER A 380 -1.62 -7.20 31.16
CA SER A 380 -2.79 -6.54 31.74
C SER A 380 -2.49 -5.07 32.04
N GLY A 381 -1.51 -4.79 32.88
CA GLY A 381 -1.26 -3.43 33.30
C GLY A 381 0.19 -3.05 33.53
N LYS A 382 1.13 -3.80 32.96
CA LYS A 382 2.55 -3.48 33.15
C LYS A 382 3.03 -2.48 32.11
N SER A 383 2.83 -2.78 30.83
CA SER A 383 3.15 -1.84 29.77
C SER A 383 2.24 -0.63 29.81
N THR A 384 1.05 -0.76 30.40
CA THR A 384 0.19 0.39 30.63
C THR A 384 0.79 1.33 31.68
N ILE A 385 1.21 0.80 32.83
CA ILE A 385 1.71 1.66 33.90
C ILE A 385 3.07 2.24 33.52
N ALA A 386 3.83 1.50 32.71
CA ALA A 386 5.09 2.01 32.16
C ALA A 386 4.84 3.18 31.21
N SER A 387 3.62 3.29 30.71
CA SER A 387 3.27 4.46 29.84
C SER A 387 2.70 5.59 30.71
N LEU A 388 1.99 5.24 31.79
CA LEU A 388 1.36 6.26 32.67
C LEU A 388 2.42 7.14 33.35
N ILE A 389 3.53 6.54 33.80
CA ILE A 389 4.58 7.31 34.52
C ILE A 389 5.14 8.36 33.57
N THR A 390 5.21 8.06 32.28
CA THR A 390 5.74 9.00 31.29
C THR A 390 4.68 10.00 30.82
N ARG A 391 3.43 9.85 31.28
CA ARG A 391 2.26 10.58 30.78
C ARG A 391 2.11 10.47 29.27
N PHE A 392 2.17 9.23 28.78
CA PHE A 392 1.81 8.96 27.39
C PHE A 392 0.31 9.13 27.18
N TYR A 393 -0.48 8.34 27.91
CA TYR A 393 -1.93 8.52 27.99
C TYR A 393 -2.23 9.18 29.32
N ASP A 394 -3.01 10.26 29.29
CA ASP A 394 -3.29 11.02 30.50
C ASP A 394 -4.23 10.25 31.42
N ILE A 395 -4.25 10.66 32.69
CA ILE A 395 -4.98 9.94 33.72
C ILE A 395 -6.45 10.34 33.69
N ASP A 396 -7.32 9.37 33.99
CA ASP A 396 -8.74 9.65 34.11
C ASP A 396 -9.10 10.11 35.52
N GLU A 397 -8.88 9.25 36.52
CA GLU A 397 -9.09 9.59 37.91
C GLU A 397 -7.88 9.15 38.73
N GLY A 398 -7.67 9.83 39.85
CA GLY A 398 -6.52 9.57 40.68
C GLY A 398 -5.37 10.51 40.41
N GLU A 399 -4.28 10.31 41.15
CA GLU A 399 -3.12 11.19 41.01
C GLU A 399 -1.85 10.39 41.25
N ILE A 400 -0.94 10.40 40.27
CA ILE A 400 0.39 9.88 40.50
C ILE A 400 1.29 11.04 40.90
N LEU A 401 1.87 10.93 42.09
CA LEU A 401 2.60 12.02 42.72
C LEU A 401 4.08 11.86 42.44
N MET A 402 4.68 12.85 41.81
CA MET A 402 6.10 12.82 41.41
C MET A 402 6.79 13.94 42.19
N ASP A 403 7.57 13.55 43.21
CA ASP A 403 8.26 14.45 44.13
C ASP A 403 7.33 15.47 44.78
N GLY A 404 6.13 15.03 45.17
CA GLY A 404 5.22 15.88 45.91
C GLY A 404 4.07 16.48 45.12
N HIS A 405 4.08 16.36 43.79
CA HIS A 405 3.03 16.94 42.97
C HIS A 405 2.64 15.98 41.87
N ASP A 406 1.44 16.20 41.30
CA ASP A 406 0.93 15.34 40.20
C ASP A 406 1.68 15.66 38.93
N LEU A 407 1.68 14.74 37.95
CA LEU A 407 2.43 14.94 36.68
C LEU A 407 1.87 16.16 35.95
N ARG A 408 0.54 16.34 35.96
CA ARG A 408 -0.10 17.45 35.22
C ARG A 408 0.49 18.81 35.66
N GLU A 409 0.69 19.01 36.96
CA GLU A 409 1.20 20.29 37.47
C GLU A 409 2.51 20.66 36.78
N TYR A 410 3.29 19.66 36.36
CA TYR A 410 4.59 19.90 35.77
C TYR A 410 4.48 20.16 34.27
N THR A 411 5.49 20.83 33.72
CA THR A 411 5.70 20.86 32.28
C THR A 411 6.06 19.47 31.82
N LEU A 412 5.51 19.07 30.68
CA LEU A 412 5.53 17.67 30.30
C LEU A 412 6.90 17.27 29.77
N ALA A 413 7.64 18.23 29.20
CA ALA A 413 8.95 17.95 28.63
C ALA A 413 9.96 17.61 29.72
N SER A 414 9.97 18.38 30.82
CA SER A 414 10.84 18.07 31.93
C SER A 414 10.41 16.78 32.61
N LEU A 415 9.10 16.52 32.63
CA LEU A 415 8.54 15.31 33.20
C LEU A 415 9.04 14.07 32.45
N ARG A 416 9.11 14.16 31.12
CA ARG A 416 9.70 13.06 30.37
C ARG A 416 11.21 13.11 30.39
N ASN A 417 11.81 14.24 30.75
CA ASN A 417 13.26 14.30 30.89
C ASN A 417 13.72 13.54 32.13
N GLN A 418 12.85 13.47 33.15
CA GLN A 418 13.19 12.69 34.34
C GLN A 418 13.20 11.19 34.05
N VAL A 419 12.37 10.73 33.12
CA VAL A 419 12.13 9.30 32.95
C VAL A 419 12.79 8.81 31.66
N ALA A 420 13.44 7.64 31.72
CA ALA A 420 14.02 7.06 30.51
C ALA A 420 13.67 5.57 30.46
N LEU A 421 12.87 5.20 29.47
CA LEU A 421 12.65 3.80 29.11
C LEU A 421 13.93 3.16 28.60
N VAL A 422 14.10 1.88 28.94
CA VAL A 422 15.17 1.05 28.42
C VAL A 422 14.54 -0.21 27.84
N SER A 423 14.85 -0.51 26.58
CA SER A 423 14.30 -1.70 25.95
C SER A 423 15.24 -2.13 24.82
N GLN A 424 15.10 -3.40 24.44
CA GLN A 424 15.66 -3.87 23.19
C GLN A 424 14.71 -3.63 22.02
N ASN A 425 13.48 -3.21 22.30
CA ASN A 425 12.54 -2.73 21.30
C ASN A 425 12.63 -1.22 21.11
N VAL A 426 13.67 -0.58 21.65
CA VAL A 426 13.81 0.87 21.52
C VAL A 426 14.18 1.21 20.06
N HIS A 427 13.90 2.45 19.68
CA HIS A 427 14.04 2.89 18.31
C HIS A 427 15.45 3.41 18.09
N LEU A 428 16.05 3.05 16.96
CA LEU A 428 17.33 3.60 16.57
C LEU A 428 17.16 4.55 15.40
N PHE A 429 17.76 5.73 15.53
CA PHE A 429 17.67 6.79 14.54
C PHE A 429 18.83 6.66 13.56
N ASN A 430 18.69 7.31 12.40
CA ASN A 430 19.69 7.17 11.33
C ASN A 430 20.74 8.26 11.45
N ASP A 431 21.24 8.43 12.68
CA ASP A 431 22.27 9.42 12.99
C ASP A 431 23.51 8.67 13.42
N THR A 432 24.50 9.43 13.88
CA THR A 432 25.73 8.84 14.39
C THR A 432 25.45 8.16 15.74
N VAL A 433 26.34 7.23 16.10
CA VAL A 433 26.20 6.50 17.35
C VAL A 433 26.39 7.43 18.55
N ALA A 434 27.33 8.37 18.47
CA ALA A 434 27.52 9.34 19.54
C ALA A 434 26.32 10.26 19.69
N ASN A 435 25.67 10.61 18.59
CA ASN A 435 24.44 11.39 18.68
C ASN A 435 23.25 10.53 19.06
N ASN A 436 23.32 9.21 18.86
CA ASN A 436 22.26 8.34 19.35
C ASN A 436 22.35 8.16 20.86
N ILE A 437 23.56 8.17 21.41
CA ILE A 437 23.74 8.16 22.86
C ILE A 437 23.32 9.48 23.47
N ALA A 438 23.58 10.60 22.79
CA ALA A 438 23.33 11.95 23.31
C ALA A 438 22.21 12.60 22.52
N TYR A 439 21.12 11.88 22.32
CA TYR A 439 20.02 12.40 21.51
C TYR A 439 19.29 13.51 22.25
N ALA A 440 18.89 14.53 21.48
CA ALA A 440 18.25 15.79 21.85
C ALA A 440 19.13 16.74 22.65
N ARG A 441 20.31 16.29 23.08
CA ARG A 441 21.31 17.14 23.71
C ARG A 441 22.69 16.65 23.28
N THR A 442 23.23 17.21 22.21
CA THR A 442 24.55 16.84 21.72
C THR A 442 25.51 18.03 21.71
N GLU A 443 25.02 19.23 21.95
CA GLU A 443 25.85 20.43 22.04
C GLU A 443 26.31 20.72 23.46
N GLN A 444 25.41 20.58 24.44
CA GLN A 444 25.80 20.70 25.84
C GLN A 444 26.56 19.46 26.30
N TYR A 445 26.18 18.30 25.76
CA TYR A 445 26.75 17.02 26.19
C TYR A 445 27.87 16.67 25.22
N SER A 446 29.10 16.95 25.64
CA SER A 446 30.26 16.80 24.76
C SER A 446 30.63 15.32 24.61
N ARG A 447 31.51 15.05 23.64
CA ARG A 447 31.84 13.69 23.26
C ARG A 447 32.68 12.97 24.29
N GLU A 448 33.34 13.70 25.20
CA GLU A 448 34.04 13.06 26.31
C GLU A 448 33.06 12.34 27.22
N GLN A 449 31.95 12.99 27.54
CA GLN A 449 30.91 12.37 28.36
C GLN A 449 30.24 11.21 27.63
N ILE A 450 30.08 11.33 26.31
CA ILE A 450 29.52 10.25 25.51
C ILE A 450 30.44 9.03 25.52
N GLU A 451 31.75 9.26 25.37
CA GLU A 451 32.72 8.18 25.39
C GLU A 451 32.78 7.51 26.76
N GLU A 452 32.75 8.31 27.84
CA GLU A 452 32.82 7.74 29.18
C GLU A 452 31.54 6.99 29.53
N ALA A 453 30.39 7.45 29.04
CA ALA A 453 29.13 6.77 29.32
C ALA A 453 29.00 5.50 28.50
N ALA A 454 29.54 5.49 27.27
CA ALA A 454 29.58 4.26 26.50
C ALA A 454 30.55 3.27 27.11
N ARG A 455 31.62 3.76 27.73
CA ARG A 455 32.54 2.89 28.45
C ARG A 455 31.91 2.34 29.73
N MET A 456 31.05 3.12 30.37
CA MET A 456 30.37 2.65 31.57
C MET A 456 29.32 1.60 31.25
N ALA A 457 28.79 1.62 30.02
CA ALA A 457 27.76 0.67 29.63
C ALA A 457 28.33 -0.62 29.05
N TYR A 458 29.66 -0.72 28.92
CA TYR A 458 30.38 -1.87 28.35
C TYR A 458 29.96 -2.19 26.91
N ALA A 459 29.42 -1.21 26.19
CA ALA A 459 29.02 -1.46 24.81
C ALA A 459 30.14 -1.10 23.84
N MET A 460 31.01 -0.16 24.25
CA MET A 460 31.91 0.58 23.37
C MET A 460 32.82 -0.30 22.53
N ASP A 461 33.20 -1.48 23.05
CA ASP A 461 34.07 -2.41 22.35
C ASP A 461 33.47 -2.83 21.02
N PHE A 462 32.16 -3.10 21.00
CA PHE A 462 31.46 -3.37 19.75
C PHE A 462 31.52 -2.16 18.83
N ILE A 463 31.31 -0.96 19.37
CA ILE A 463 31.45 0.24 18.54
C ILE A 463 32.93 0.54 18.33
N ASN A 464 33.82 -0.06 19.12
CA ASN A 464 35.25 0.04 18.81
C ASN A 464 35.63 -0.92 17.70
N LYS A 465 34.79 -1.92 17.40
CA LYS A 465 35.05 -2.77 16.26
C LYS A 465 34.06 -2.54 15.12
N MET A 466 33.32 -1.44 15.14
CA MET A 466 32.45 -1.10 14.04
C MET A 466 33.26 -0.47 12.90
N ASP A 467 32.53 0.02 11.88
CA ASP A 467 33.19 0.45 10.66
C ASP A 467 33.85 1.82 10.82
N ASN A 468 33.21 2.72 11.56
CA ASN A 468 33.66 4.12 11.61
C ASN A 468 33.82 4.63 13.04
N GLY A 469 33.92 3.73 14.02
CA GLY A 469 33.99 4.16 15.41
C GLY A 469 32.64 4.70 15.86
N LEU A 470 32.68 5.80 16.61
CA LEU A 470 31.45 6.46 17.05
C LEU A 470 30.92 7.44 16.00
N ASP A 471 30.81 7.00 14.74
CA ASP A 471 30.36 7.88 13.67
C ASP A 471 29.52 7.17 12.62
N THR A 472 29.20 5.90 12.79
CA THR A 472 28.49 5.16 11.75
C THR A 472 26.99 5.42 11.82
N VAL A 473 26.32 5.36 10.67
CA VAL A 473 24.87 5.43 10.62
C VAL A 473 24.31 4.07 10.99
N ILE A 474 23.26 4.06 11.81
CA ILE A 474 22.84 2.86 12.52
C ILE A 474 21.36 2.55 12.34
N GLY A 475 20.55 3.51 11.88
CA GLY A 475 19.13 3.29 11.68
C GLY A 475 18.82 2.53 10.40
N GLU A 476 17.71 2.89 9.78
CA GLU A 476 17.36 2.31 8.49
C GLU A 476 18.33 2.79 7.42
N ASN A 477 18.60 1.90 6.45
CA ASN A 477 19.75 1.98 5.55
C ASN A 477 21.06 2.16 6.33
N GLY A 478 21.21 1.39 7.41
CA GLY A 478 22.41 1.43 8.22
C GLY A 478 23.00 0.05 8.40
N VAL A 479 23.56 -0.21 9.60
CA VAL A 479 24.20 -1.49 9.86
C VAL A 479 23.25 -2.49 10.51
N LEU A 480 22.13 -2.02 11.06
CA LEU A 480 21.05 -2.84 11.64
C LEU A 480 21.57 -3.73 12.77
N LEU A 481 21.91 -3.06 13.87
CA LEU A 481 22.50 -3.66 15.07
C LEU A 481 21.71 -4.81 15.69
N SER A 482 22.36 -5.57 16.56
CA SER A 482 21.75 -6.71 17.22
C SER A 482 20.70 -6.27 18.24
N GLY A 483 19.86 -7.24 18.64
CA GLY A 483 18.84 -6.95 19.64
C GLY A 483 19.42 -6.65 21.00
N GLY A 484 20.44 -7.42 21.41
CA GLY A 484 21.09 -7.17 22.69
C GLY A 484 21.87 -5.88 22.74
N GLN A 485 22.57 -5.53 21.66
CA GLN A 485 23.31 -4.29 21.65
C GLN A 485 22.38 -3.09 21.49
N ARG A 486 21.16 -3.31 21.00
CA ARG A 486 20.13 -2.27 21.06
C ARG A 486 19.75 -1.94 22.50
N GLN A 487 19.56 -2.97 23.33
CA GLN A 487 19.24 -2.76 24.73
C GLN A 487 20.44 -2.15 25.45
N ARG A 488 21.65 -2.55 25.05
CA ARG A 488 22.85 -1.98 25.68
C ARG A 488 23.11 -0.55 25.24
N ILE A 489 22.68 -0.17 24.03
CA ILE A 489 22.87 1.22 23.64
C ILE A 489 21.79 2.09 24.28
N ALA A 490 20.64 1.47 24.61
CA ALA A 490 19.68 2.14 25.48
C ALA A 490 20.22 2.32 26.89
N ILE A 491 20.99 1.32 27.39
CA ILE A 491 21.71 1.46 28.65
C ILE A 491 22.68 2.64 28.59
N ALA A 492 23.42 2.77 27.50
CA ALA A 492 24.36 3.89 27.35
C ALA A 492 23.63 5.23 27.29
N ARG A 493 22.49 5.28 26.60
CA ARG A 493 21.68 6.50 26.53
C ARG A 493 21.18 6.91 27.91
N ALA A 494 20.63 5.95 28.66
CA ALA A 494 20.12 6.25 29.99
C ALA A 494 21.24 6.54 30.97
N LEU A 495 22.44 6.03 30.70
CA LEU A 495 23.59 6.33 31.55
C LEU A 495 24.06 7.76 31.34
N LEU A 496 24.12 8.21 30.08
CA LEU A 496 24.63 9.55 29.84
C LEU A 496 23.60 10.58 30.26
N ARG A 497 22.32 10.29 30.01
CA ARG A 497 21.28 11.28 30.29
C ARG A 497 21.03 11.43 31.79
N ASP A 498 21.44 10.43 32.59
CA ASP A 498 21.34 10.40 34.04
C ASP A 498 19.92 10.63 34.53
N SER A 499 18.99 9.85 34.02
CA SER A 499 17.57 9.99 34.36
C SER A 499 17.33 9.52 35.78
N PRO A 500 16.68 10.32 36.64
CA PRO A 500 16.43 9.89 38.02
C PRO A 500 15.47 8.72 38.14
N ILE A 501 14.59 8.51 37.17
CA ILE A 501 13.60 7.45 37.23
C ILE A 501 13.76 6.55 36.03
N LEU A 502 13.84 5.24 36.28
CA LEU A 502 14.12 4.25 35.26
C LEU A 502 12.92 3.36 35.05
N ILE A 503 12.61 3.07 33.78
CA ILE A 503 11.60 2.07 33.46
C ILE A 503 12.20 1.04 32.51
N LEU A 504 12.42 -0.18 33.01
CA LEU A 504 13.00 -1.23 32.18
C LEU A 504 11.96 -2.32 31.95
N ASP A 505 11.86 -2.77 30.70
CA ASP A 505 10.82 -3.72 30.30
C ASP A 505 11.25 -5.18 30.34
N GLU A 506 12.53 -5.46 30.10
CA GLU A 506 13.11 -6.81 30.05
C GLU A 506 12.39 -7.64 28.98
N ALA A 507 12.69 -7.33 27.72
CA ALA A 507 12.20 -8.16 26.62
C ALA A 507 13.17 -9.30 26.29
N THR A 508 14.36 -9.30 26.86
CA THR A 508 15.37 -10.33 26.59
C THR A 508 15.28 -11.49 27.60
N SER A 509 14.17 -12.22 27.52
CA SER A 509 14.00 -13.43 28.32
C SER A 509 14.95 -14.53 27.85
N ALA A 510 15.24 -14.58 26.55
CA ALA A 510 16.22 -15.51 26.00
C ALA A 510 17.58 -14.84 26.05
N LEU A 511 18.43 -15.29 26.97
CA LEU A 511 19.74 -14.70 27.15
C LEU A 511 20.69 -15.17 26.06
N ASP A 512 21.82 -14.46 25.93
CA ASP A 512 22.81 -14.74 24.90
C ASP A 512 24.17 -14.93 25.53
N THR A 513 24.94 -15.87 24.98
CA THR A 513 26.30 -16.10 25.43
C THR A 513 27.20 -14.94 25.01
N GLU A 514 28.13 -14.57 25.91
CA GLU A 514 29.22 -13.59 25.76
C GLU A 514 28.68 -12.15 25.78
N SER A 515 27.36 -11.98 25.67
CA SER A 515 26.78 -10.63 25.73
C SER A 515 26.20 -10.35 27.11
N GLU A 516 25.60 -11.37 27.74
CA GLU A 516 24.91 -11.19 29.00
C GLU A 516 25.87 -10.88 30.14
N ARG A 517 27.12 -11.31 30.03
CA ARG A 517 28.11 -11.09 31.09
C ARG A 517 28.44 -9.60 31.23
N ALA A 518 28.32 -8.83 30.14
CA ALA A 518 28.44 -7.39 30.21
C ALA A 518 27.11 -6.68 30.29
N ILE A 519 26.03 -7.29 29.76
CA ILE A 519 24.70 -6.69 29.82
C ILE A 519 24.21 -6.61 31.26
N GLN A 520 24.39 -7.68 32.03
CA GLN A 520 23.94 -7.66 33.42
C GLN A 520 24.78 -6.73 34.28
N ALA A 521 26.08 -6.63 33.97
CA ALA A 521 26.95 -5.68 34.67
C ALA A 521 26.53 -4.24 34.38
N ALA A 522 26.22 -3.94 33.12
CA ALA A 522 25.75 -2.59 32.76
C ALA A 522 24.39 -2.29 33.38
N LEU A 523 23.50 -3.29 33.39
CA LEU A 523 22.18 -3.11 34.00
C LEU A 523 22.28 -2.85 35.50
N ASP A 524 23.11 -3.62 36.21
CA ASP A 524 23.26 -3.43 37.64
C ASP A 524 24.05 -2.16 37.96
N GLU A 525 24.89 -1.71 37.03
CA GLU A 525 25.52 -0.41 37.16
C GLU A 525 24.47 0.69 37.05
N LEU A 526 23.51 0.51 36.13
CA LEU A 526 22.53 1.56 35.89
C LEU A 526 21.48 1.62 37.00
N GLN A 527 21.05 0.47 37.51
CA GLN A 527 20.01 0.44 38.52
C GLN A 527 20.56 0.31 39.94
N LYS A 528 21.86 0.57 40.13
CA LYS A 528 22.41 0.69 41.48
C LYS A 528 21.82 1.90 42.21
N ASN A 529 21.46 2.92 41.45
CA ASN A 529 20.77 4.10 41.92
C ASN A 529 19.40 4.15 41.23
N ARG A 530 18.73 5.30 41.36
CA ARG A 530 17.58 5.75 40.59
C ARG A 530 16.28 5.04 40.99
N THR A 531 15.17 5.78 40.93
CA THR A 531 13.85 5.23 41.27
C THR A 531 13.38 4.35 40.11
N SER A 532 13.77 3.08 40.18
CA SER A 532 13.74 2.20 39.00
C SER A 532 12.60 1.19 39.13
N LEU A 533 11.46 1.52 38.51
CA LEU A 533 10.44 0.49 38.29
C LEU A 533 10.86 -0.36 37.10
N VAL A 534 10.72 -1.68 37.23
CA VAL A 534 11.17 -2.61 36.20
C VAL A 534 10.08 -3.63 35.94
N ILE A 535 9.81 -3.91 34.67
CA ILE A 535 8.94 -5.02 34.30
C ILE A 535 9.77 -6.30 34.31
N ALA A 536 9.31 -7.29 35.06
CA ALA A 536 10.12 -8.47 35.37
C ALA A 536 9.69 -9.64 34.50
N HIS A 537 10.66 -10.20 33.77
CA HIS A 537 10.49 -11.47 33.07
C HIS A 537 11.67 -12.40 33.24
N ARG A 538 12.80 -11.90 33.76
CA ARG A 538 13.97 -12.72 34.05
C ARG A 538 14.09 -12.87 35.56
N LEU A 539 14.32 -14.11 36.02
CA LEU A 539 14.23 -14.43 37.44
C LEU A 539 15.40 -13.84 38.23
N SER A 540 16.48 -13.46 37.57
CA SER A 540 17.60 -12.84 38.26
C SER A 540 17.25 -11.45 38.76
N THR A 541 16.55 -10.65 37.94
CA THR A 541 16.09 -9.35 38.39
C THR A 541 14.95 -9.46 39.39
N ILE A 542 14.20 -10.58 39.31
CA ILE A 542 13.19 -10.89 40.33
C ILE A 542 13.86 -11.15 41.68
N GLU A 543 14.98 -11.87 41.65
CA GLU A 543 15.75 -12.12 42.86
C GLU A 543 16.39 -10.84 43.39
N LYS A 544 16.83 -9.97 42.47
CA LYS A 544 17.52 -8.74 42.86
C LYS A 544 16.57 -7.65 43.32
N ALA A 545 15.25 -7.86 43.16
CA ALA A 545 14.28 -6.81 43.41
C ALA A 545 14.13 -6.52 44.89
N ASP A 546 13.69 -5.29 45.19
CA ASP A 546 13.48 -4.88 46.58
C ASP A 546 12.03 -5.14 47.02
N GLU A 547 11.07 -4.52 46.34
CA GLU A 547 9.65 -4.61 46.68
C GLU A 547 8.91 -5.13 45.46
N ILE A 548 8.51 -6.40 45.49
CA ILE A 548 7.87 -6.99 44.32
C ILE A 548 6.37 -6.72 44.40
N VAL A 549 5.83 -6.15 43.33
CA VAL A 549 4.41 -5.84 43.23
C VAL A 549 3.84 -6.66 42.08
N VAL A 550 2.75 -7.39 42.35
CA VAL A 550 2.12 -8.26 41.36
C VAL A 550 0.87 -7.58 40.83
N VAL A 551 0.75 -7.55 39.50
CA VAL A 551 -0.46 -7.09 38.85
C VAL A 551 -0.98 -8.20 37.94
N GLU A 552 -2.26 -8.55 38.11
CA GLU A 552 -2.88 -9.58 37.29
C GLU A 552 -4.33 -9.18 37.06
N ASP A 553 -4.67 -8.95 35.79
CA ASP A 553 -5.98 -8.58 35.26
C ASP A 553 -6.39 -7.25 35.90
N GLY A 554 -5.47 -6.30 36.01
CA GLY A 554 -5.84 -4.94 36.33
C GLY A 554 -5.66 -4.46 37.76
N VAL A 555 -5.43 -5.37 38.70
CA VAL A 555 -5.43 -5.01 40.11
C VAL A 555 -4.18 -5.59 40.77
N ILE A 556 -3.79 -5.00 41.90
CA ILE A 556 -2.66 -5.50 42.68
C ILE A 556 -3.05 -6.82 43.32
N VAL A 557 -2.17 -7.81 43.21
CA VAL A 557 -2.37 -9.08 43.91
C VAL A 557 -1.57 -9.15 45.20
N GLU A 558 -0.24 -8.99 45.11
CA GLU A 558 0.62 -9.06 46.28
C GLU A 558 1.62 -7.93 46.25
N ARG A 559 2.02 -7.47 47.44
CA ARG A 559 3.01 -6.42 47.60
C ARG A 559 3.97 -6.80 48.72
N GLY A 560 5.26 -6.67 48.44
CA GLY A 560 6.29 -7.01 49.39
C GLY A 560 7.47 -7.70 48.73
N THR A 561 8.44 -8.07 49.56
CA THR A 561 9.62 -8.76 49.06
C THR A 561 9.29 -10.19 48.64
N HIS A 562 10.21 -10.79 47.87
CA HIS A 562 9.99 -12.12 47.32
C HIS A 562 10.01 -13.22 48.38
N ASN A 563 10.58 -12.97 49.56
CA ASN A 563 10.51 -13.95 50.64
C ASN A 563 9.10 -14.03 51.21
N ASP A 564 8.42 -12.88 51.34
CA ASP A 564 7.03 -12.88 51.78
C ASP A 564 6.12 -13.50 50.73
N LEU A 565 6.46 -13.32 49.46
CA LEU A 565 5.72 -14.00 48.39
C LEU A 565 6.09 -15.47 48.29
N LEU A 566 7.22 -15.87 48.86
CA LEU A 566 7.52 -17.30 49.00
C LEU A 566 6.73 -17.92 50.14
N GLU A 567 6.50 -17.14 51.22
CA GLU A 567 5.69 -17.65 52.33
C GLU A 567 4.23 -17.78 51.92
N HIS A 568 3.67 -16.74 51.32
CA HIS A 568 2.31 -16.76 50.78
C HIS A 568 2.43 -16.76 49.26
N ARG A 569 2.23 -17.93 48.65
CA ARG A 569 2.51 -18.16 47.23
C ARG A 569 1.64 -17.31 46.32
N GLY A 570 0.33 -17.57 46.31
CA GLY A 570 -0.57 -16.81 45.45
C GLY A 570 -0.30 -17.10 43.98
N VAL A 571 0.16 -16.07 43.26
CA VAL A 571 0.57 -16.20 41.88
C VAL A 571 2.03 -15.82 41.69
N TYR A 572 2.83 -15.84 42.76
CA TYR A 572 4.25 -15.54 42.66
C TYR A 572 4.98 -16.64 41.89
N ALA A 573 4.68 -17.90 42.22
CA ALA A 573 5.22 -19.01 41.44
C ALA A 573 4.58 -19.12 40.06
N GLN A 574 3.30 -18.79 39.94
CA GLN A 574 2.59 -18.87 38.67
C GLN A 574 3.01 -17.75 37.72
N THR B 12 9.33 -14.25 -21.50
CA THR B 12 8.85 -14.87 -22.73
C THR B 12 7.33 -14.83 -22.78
N PHE B 13 6.78 -14.37 -23.90
CA PHE B 13 5.35 -14.32 -24.13
C PHE B 13 4.75 -15.69 -24.43
N ARG B 14 5.56 -16.66 -24.84
CA ARG B 14 5.04 -17.96 -25.23
C ARG B 14 4.56 -18.77 -24.03
N ARG B 15 4.98 -18.41 -22.82
CA ARG B 15 4.40 -19.02 -21.63
C ARG B 15 2.98 -18.53 -21.41
N LEU B 16 2.74 -17.23 -21.61
CA LEU B 16 1.45 -16.64 -21.33
C LEU B 16 0.42 -16.95 -22.41
N TRP B 17 0.85 -17.35 -23.61
CA TRP B 17 -0.11 -17.53 -24.70
C TRP B 17 -1.07 -18.71 -24.55
N PRO B 18 -0.70 -19.88 -24.00
CA PRO B 18 -1.75 -20.89 -23.72
C PRO B 18 -2.80 -20.45 -22.71
N THR B 19 -2.53 -19.45 -21.87
CA THR B 19 -3.59 -18.85 -21.06
C THR B 19 -4.56 -18.06 -21.94
N ILE B 20 -4.04 -17.24 -22.85
CA ILE B 20 -4.87 -16.39 -23.70
C ILE B 20 -5.53 -17.15 -24.85
N ALA B 21 -4.96 -18.28 -25.26
CA ALA B 21 -5.40 -19.09 -26.41
C ALA B 21 -6.87 -19.57 -26.38
N PRO B 22 -7.48 -19.92 -25.23
CA PRO B 22 -8.95 -20.11 -25.28
C PRO B 22 -9.73 -18.85 -25.64
N PHE B 23 -9.26 -17.69 -25.22
CA PHE B 23 -9.94 -16.43 -25.52
C PHE B 23 -9.31 -15.74 -26.73
N LYS B 24 -9.22 -16.49 -27.82
CA LYS B 24 -8.66 -15.92 -29.05
C LYS B 24 -9.70 -15.12 -29.81
N ALA B 25 -10.98 -15.50 -29.70
CA ALA B 25 -12.05 -14.85 -30.45
C ALA B 25 -12.25 -13.41 -30.03
N GLY B 26 -12.05 -13.09 -28.76
CA GLY B 26 -12.12 -11.72 -28.32
C GLY B 26 -10.93 -10.90 -28.76
N LEU B 27 -9.81 -11.56 -29.06
CA LEU B 27 -8.62 -10.86 -29.56
C LEU B 27 -8.63 -10.67 -31.06
N ILE B 28 -9.44 -11.42 -31.80
CA ILE B 28 -9.62 -11.19 -33.22
C ILE B 28 -10.82 -10.29 -33.49
N VAL B 29 -11.91 -10.42 -32.72
CA VAL B 29 -13.03 -9.50 -32.82
C VAL B 29 -12.63 -8.08 -32.44
N ALA B 30 -11.90 -7.89 -31.34
CA ALA B 30 -11.37 -6.59 -31.03
C ALA B 30 -10.15 -6.22 -31.86
N GLY B 31 -9.43 -7.22 -32.37
CA GLY B 31 -8.32 -6.95 -33.28
C GLY B 31 -8.75 -6.36 -34.60
N VAL B 32 -9.90 -6.80 -35.14
CA VAL B 32 -10.48 -6.21 -36.33
C VAL B 32 -11.34 -5.01 -35.96
N ALA B 33 -11.58 -4.78 -34.68
CA ALA B 33 -12.24 -3.57 -34.22
C ALA B 33 -11.25 -2.53 -33.74
N LEU B 34 -9.96 -2.74 -33.98
CA LEU B 34 -8.98 -1.69 -33.79
C LEU B 34 -8.40 -1.21 -35.10
N ILE B 35 -8.28 -2.09 -36.10
CA ILE B 35 -8.03 -1.68 -37.47
C ILE B 35 -9.17 -0.85 -38.04
N LEU B 36 -10.41 -1.27 -37.82
CA LEU B 36 -11.60 -0.53 -38.27
C LEU B 36 -11.81 0.75 -37.47
N ASN B 37 -11.26 0.85 -36.25
CA ASN B 37 -11.25 2.09 -35.51
C ASN B 37 -10.21 3.07 -36.02
N ALA B 38 -9.05 2.58 -36.46
CA ALA B 38 -8.00 3.42 -37.01
C ALA B 38 -8.18 3.68 -38.50
N ALA B 39 -9.06 2.94 -39.16
CA ALA B 39 -9.47 3.25 -40.52
C ALA B 39 -10.81 3.97 -40.50
N SER B 40 -11.16 4.56 -39.36
CA SER B 40 -12.32 5.40 -39.23
C SER B 40 -11.99 6.86 -39.00
N ASP B 41 -10.89 7.16 -38.31
CA ASP B 41 -10.39 8.51 -38.26
C ASP B 41 -9.42 8.82 -39.39
N THR B 42 -8.90 7.80 -40.07
CA THR B 42 -8.17 7.97 -41.31
C THR B 42 -9.07 8.34 -42.48
N PHE B 43 -10.23 7.70 -42.59
CA PHE B 43 -11.22 8.05 -43.61
C PHE B 43 -11.99 9.31 -43.24
N MET B 44 -11.80 9.83 -42.04
CA MET B 44 -12.34 11.13 -41.66
C MET B 44 -11.38 12.27 -41.93
N LEU B 45 -10.07 12.03 -41.86
CA LEU B 45 -9.08 12.97 -42.34
C LEU B 45 -8.94 12.92 -43.85
N SER B 46 -9.48 11.90 -44.50
CA SER B 46 -9.54 11.86 -45.95
C SER B 46 -10.78 12.54 -46.49
N LEU B 47 -11.68 13.00 -45.61
CA LEU B 47 -12.82 13.81 -45.99
C LEU B 47 -12.44 15.27 -46.14
N LEU B 48 -11.22 15.62 -45.74
CA LEU B 48 -10.72 16.98 -45.91
C LEU B 48 -10.25 17.26 -47.32
N LYS B 49 -10.08 16.24 -48.17
CA LYS B 49 -9.81 16.52 -49.58
C LYS B 49 -11.08 16.91 -50.33
N PRO B 50 -12.22 16.14 -50.29
CA PRO B 50 -13.40 16.64 -51.01
C PRO B 50 -14.26 17.57 -50.18
N LEU B 51 -13.65 18.45 -49.40
CA LEU B 51 -14.40 19.45 -48.65
C LEU B 51 -13.84 20.81 -49.00
N LEU B 52 -12.51 20.88 -49.12
CA LEU B 52 -11.83 22.10 -49.54
C LEU B 52 -11.60 22.17 -51.04
N ASP B 53 -11.47 21.02 -51.71
CA ASP B 53 -11.34 21.04 -53.16
C ASP B 53 -12.70 21.08 -53.85
N ASP B 54 -13.69 20.37 -53.32
CA ASP B 54 -14.97 20.23 -53.97
C ASP B 54 -16.12 20.97 -53.31
N GLY B 55 -15.91 21.55 -52.14
CA GLY B 55 -16.98 22.30 -51.51
C GLY B 55 -16.62 23.76 -51.26
N PHE B 56 -15.34 24.02 -51.03
CA PHE B 56 -14.83 25.36 -50.79
C PHE B 56 -13.74 25.69 -51.80
N GLY B 57 -13.62 24.86 -52.82
CA GLY B 57 -12.84 25.16 -54.02
C GLY B 57 -13.83 25.42 -55.14
N LYS B 58 -14.07 24.40 -55.96
CA LYS B 58 -15.23 24.41 -56.85
C LYS B 58 -16.49 24.45 -56.00
N THR B 59 -17.34 25.46 -56.21
CA THR B 59 -18.50 25.67 -55.35
C THR B 59 -19.55 24.60 -55.63
N ASP B 60 -19.70 23.67 -54.69
CA ASP B 60 -20.67 22.58 -54.79
C ASP B 60 -21.19 22.32 -53.37
N ARG B 61 -22.48 22.60 -53.19
CA ARG B 61 -23.13 22.44 -51.89
C ARG B 61 -23.41 20.97 -51.63
N SER B 62 -23.38 20.17 -52.72
CA SER B 62 -23.78 18.76 -52.65
C SER B 62 -22.85 17.94 -51.76
N VAL B 63 -21.54 18.20 -51.83
CA VAL B 63 -20.62 17.48 -50.96
C VAL B 63 -20.74 17.96 -49.52
N LEU B 64 -21.19 19.20 -49.33
CA LEU B 64 -21.49 19.72 -48.00
C LEU B 64 -22.87 19.31 -47.51
N VAL B 65 -23.62 18.58 -48.32
CA VAL B 65 -24.87 17.98 -47.87
C VAL B 65 -24.62 16.60 -47.27
N TRP B 66 -23.87 15.74 -47.97
CA TRP B 66 -23.62 14.40 -47.44
C TRP B 66 -22.41 14.36 -46.52
N MET B 67 -21.55 15.38 -46.56
CA MET B 67 -20.39 15.41 -45.67
C MET B 67 -20.72 15.47 -44.18
N PRO B 68 -21.70 16.26 -43.68
CA PRO B 68 -22.10 16.07 -42.28
C PRO B 68 -22.64 14.68 -41.98
N LEU B 69 -23.27 14.02 -42.94
CA LEU B 69 -23.78 12.68 -42.72
C LEU B 69 -22.69 11.63 -42.59
N VAL B 70 -21.64 11.66 -43.41
CA VAL B 70 -20.54 10.70 -43.25
C VAL B 70 -19.67 11.07 -42.06
N VAL B 71 -19.57 12.36 -41.72
CA VAL B 71 -18.90 12.79 -40.49
C VAL B 71 -19.56 12.23 -39.23
N ILE B 72 -20.90 12.25 -39.13
CA ILE B 72 -21.57 11.49 -38.07
C ILE B 72 -21.43 9.98 -38.28
N GLY B 73 -21.46 9.50 -39.51
CA GLY B 73 -21.35 8.08 -39.77
C GLY B 73 -20.04 7.46 -39.37
N LEU B 74 -18.92 8.10 -39.74
CA LEU B 74 -17.62 7.62 -39.31
C LEU B 74 -17.39 7.77 -37.83
N MET B 75 -18.04 8.72 -37.16
CA MET B 75 -17.96 8.83 -35.72
C MET B 75 -18.85 7.85 -34.97
N ILE B 76 -19.99 7.46 -35.53
CA ILE B 76 -20.80 6.37 -34.99
C ILE B 76 -19.99 5.09 -35.12
N LEU B 77 -19.35 4.90 -36.28
CA LEU B 77 -18.45 3.78 -36.48
C LEU B 77 -17.25 3.80 -35.55
N ARG B 78 -16.60 4.95 -35.37
CA ARG B 78 -15.48 5.10 -34.46
C ARG B 78 -15.86 4.87 -33.00
N GLY B 79 -17.01 5.36 -32.56
CA GLY B 79 -17.51 5.09 -31.23
C GLY B 79 -17.88 3.65 -30.98
N ILE B 80 -18.59 3.02 -31.93
CA ILE B 80 -18.97 1.61 -31.79
C ILE B 80 -17.72 0.73 -31.82
N THR B 81 -16.81 1.01 -32.74
CA THR B 81 -15.57 0.26 -32.89
C THR B 81 -14.58 0.54 -31.77
N SER B 82 -14.73 1.65 -31.06
CA SER B 82 -13.96 1.91 -29.85
C SER B 82 -14.56 1.27 -28.63
N TYR B 83 -15.89 1.13 -28.59
CA TYR B 83 -16.51 0.40 -27.49
C TYR B 83 -16.32 -1.09 -27.63
N VAL B 84 -16.43 -1.62 -28.85
CA VAL B 84 -16.27 -3.06 -29.09
C VAL B 84 -14.85 -3.50 -28.81
N SER B 85 -13.87 -2.74 -29.27
CA SER B 85 -12.47 -3.07 -29.05
C SER B 85 -12.03 -2.92 -27.61
N SER B 86 -12.62 -2.02 -26.84
CA SER B 86 -12.27 -1.84 -25.44
C SER B 86 -13.16 -2.64 -24.51
N TYR B 87 -14.11 -3.40 -25.05
CA TYR B 87 -14.84 -4.40 -24.29
C TYR B 87 -14.35 -5.80 -24.60
N CYS B 88 -14.05 -6.10 -25.86
CA CYS B 88 -13.65 -7.44 -26.24
C CYS B 88 -12.16 -7.70 -26.02
N ILE B 89 -11.37 -6.67 -25.74
CA ILE B 89 -10.03 -6.84 -25.17
C ILE B 89 -10.08 -6.93 -23.66
N SER B 90 -10.86 -6.09 -22.99
CA SER B 90 -11.01 -6.15 -21.55
C SER B 90 -11.97 -7.22 -21.09
N TRP B 91 -12.48 -8.05 -22.01
CA TRP B 91 -13.01 -9.36 -21.66
C TRP B 91 -11.95 -10.44 -21.79
N VAL B 92 -11.06 -10.32 -22.79
CA VAL B 92 -9.88 -11.19 -22.84
C VAL B 92 -8.93 -10.85 -21.71
N SER B 93 -8.68 -9.56 -21.48
CA SER B 93 -7.78 -9.14 -20.41
C SER B 93 -8.46 -9.10 -19.05
N GLY B 94 -9.70 -9.57 -18.97
CA GLY B 94 -10.35 -9.82 -17.70
C GLY B 94 -10.38 -11.30 -17.42
N LYS B 95 -10.69 -12.10 -18.43
CA LYS B 95 -10.67 -13.54 -18.26
C LYS B 95 -9.27 -14.12 -18.15
N VAL B 96 -8.28 -13.49 -18.76
CA VAL B 96 -6.89 -13.94 -18.63
C VAL B 96 -6.36 -13.68 -17.23
N VAL B 97 -6.62 -12.49 -16.68
CA VAL B 97 -6.20 -12.22 -15.30
C VAL B 97 -7.03 -13.03 -14.32
N MET B 98 -8.30 -13.32 -14.66
CA MET B 98 -9.11 -14.19 -13.81
C MET B 98 -8.57 -15.61 -13.78
N THR B 99 -8.19 -16.14 -14.94
CA THR B 99 -7.62 -17.47 -15.05
C THR B 99 -6.25 -17.57 -14.39
N MET B 100 -5.36 -16.59 -14.59
CA MET B 100 -3.99 -16.73 -14.12
C MET B 100 -3.79 -16.15 -12.72
N ARG B 101 -4.86 -15.64 -12.09
CA ARG B 101 -4.81 -15.36 -10.66
C ARG B 101 -5.56 -16.42 -9.86
N ARG B 102 -6.48 -17.15 -10.46
CA ARG B 102 -7.06 -18.32 -9.83
C ARG B 102 -6.21 -19.57 -10.07
N ARG B 103 -5.22 -19.48 -10.96
CA ARG B 103 -4.13 -20.44 -11.02
C ARG B 103 -3.01 -20.11 -10.04
N LEU B 104 -2.82 -18.83 -9.72
CA LEU B 104 -1.92 -18.44 -8.65
C LEU B 104 -2.44 -18.92 -7.31
N PHE B 105 -3.73 -18.71 -7.04
CA PHE B 105 -4.33 -19.10 -5.77
C PHE B 105 -4.34 -20.60 -5.58
N GLY B 106 -4.49 -21.35 -6.66
CA GLY B 106 -4.40 -22.80 -6.58
C GLY B 106 -2.99 -23.32 -6.42
N HIS B 107 -1.98 -22.45 -6.53
CA HIS B 107 -0.59 -22.84 -6.33
C HIS B 107 0.00 -22.31 -5.04
N MET B 108 -0.69 -21.38 -4.37
CA MET B 108 -0.28 -20.98 -3.03
C MET B 108 -1.23 -21.52 -1.97
N MET B 109 -2.10 -22.46 -2.33
CA MET B 109 -2.79 -23.30 -1.36
C MET B 109 -2.16 -24.68 -1.28
N GLY B 110 -0.99 -24.86 -1.87
CA GLY B 110 -0.25 -26.10 -1.76
C GLY B 110 1.23 -25.81 -1.58
N MET B 111 1.57 -24.53 -1.52
CA MET B 111 2.94 -24.12 -1.28
C MET B 111 3.13 -23.95 0.24
N PRO B 112 4.30 -24.37 0.77
CA PRO B 112 4.44 -24.54 2.23
C PRO B 112 4.27 -23.27 3.06
N VAL B 113 4.11 -23.48 4.36
CA VAL B 113 3.93 -22.39 5.31
C VAL B 113 5.19 -21.56 5.42
N SER B 114 6.36 -22.17 5.19
CA SER B 114 7.62 -21.44 5.22
C SER B 114 7.71 -20.43 4.08
N PHE B 115 7.03 -20.70 2.97
CA PHE B 115 6.88 -19.68 1.93
C PHE B 115 6.05 -18.51 2.42
N PHE B 116 4.99 -18.80 3.19
CA PHE B 116 4.18 -17.76 3.80
C PHE B 116 4.86 -17.13 5.00
N ASP B 117 5.80 -17.82 5.64
CA ASP B 117 6.41 -17.35 6.89
C ASP B 117 7.58 -16.41 6.61
N LYS B 118 7.22 -15.18 6.22
CA LYS B 118 8.06 -13.99 6.04
C LYS B 118 9.06 -14.12 4.90
N GLN B 119 9.12 -15.24 4.17
CA GLN B 119 9.78 -15.23 2.88
C GLN B 119 9.02 -14.34 1.91
N SER B 120 7.69 -14.44 1.94
CA SER B 120 6.81 -13.48 1.28
C SER B 120 5.65 -13.22 2.22
N THR B 121 5.45 -11.96 2.59
CA THR B 121 4.46 -11.56 3.58
C THR B 121 3.07 -11.52 2.94
N GLY B 122 2.13 -10.81 3.58
CA GLY B 122 0.78 -10.66 3.06
C GLY B 122 0.67 -9.84 1.77
N THR B 123 1.77 -9.22 1.35
CA THR B 123 1.85 -8.44 0.12
C THR B 123 1.69 -9.29 -1.13
N LEU B 124 1.73 -10.63 -1.03
CA LEU B 124 1.36 -11.44 -2.18
C LEU B 124 -0.13 -11.39 -2.49
N LEU B 125 -0.97 -10.85 -1.59
CA LEU B 125 -2.28 -10.35 -2.02
C LEU B 125 -2.16 -9.37 -3.18
N SER B 126 -1.22 -8.43 -3.12
CA SER B 126 -0.92 -7.55 -4.22
C SER B 126 -0.28 -8.27 -5.39
N ARG B 127 0.19 -9.51 -5.20
CA ARG B 127 0.76 -10.28 -6.29
C ARG B 127 -0.30 -11.21 -6.89
N ILE B 128 -1.48 -11.28 -6.27
CA ILE B 128 -2.68 -11.74 -6.95
C ILE B 128 -3.48 -10.60 -7.58
N THR B 129 -3.75 -9.52 -6.83
CA THR B 129 -4.64 -8.46 -7.28
C THR B 129 -3.97 -7.50 -8.25
N TYR B 130 -2.75 -7.08 -7.95
CA TYR B 130 -2.11 -6.02 -8.75
C TYR B 130 -1.11 -6.56 -9.76
N ASP B 131 -0.30 -7.54 -9.39
CA ASP B 131 0.76 -8.02 -10.27
C ASP B 131 0.25 -8.94 -11.37
N SER B 132 -1.01 -9.35 -11.34
CA SER B 132 -1.62 -10.03 -12.46
C SER B 132 -2.50 -9.12 -13.31
N GLU B 133 -3.11 -8.10 -12.71
CA GLU B 133 -3.79 -7.07 -13.46
C GLU B 133 -2.81 -6.23 -14.26
N GLN B 134 -1.59 -6.04 -13.74
CA GLN B 134 -0.58 -5.30 -14.48
C GLN B 134 -0.05 -6.10 -15.67
N VAL B 135 -0.09 -7.43 -15.59
CA VAL B 135 0.25 -8.23 -16.76
C VAL B 135 -0.82 -8.10 -17.83
N ALA B 136 -2.09 -8.22 -17.47
CA ALA B 136 -3.17 -8.16 -18.43
C ALA B 136 -3.51 -6.74 -18.87
N SER B 137 -3.00 -5.72 -18.20
CA SER B 137 -3.24 -4.35 -18.62
C SER B 137 -2.06 -3.71 -19.32
N SER B 138 -0.88 -4.33 -19.26
CA SER B 138 0.26 -3.88 -20.03
C SER B 138 0.61 -4.79 -21.19
N SER B 139 -0.03 -5.95 -21.31
CA SER B 139 0.09 -6.76 -22.50
C SER B 139 -1.13 -6.65 -23.41
N SER B 140 -2.25 -6.15 -22.90
CA SER B 140 -3.39 -5.81 -23.73
C SER B 140 -3.41 -4.35 -24.11
N GLY B 141 -2.80 -3.49 -23.31
CA GLY B 141 -2.53 -2.13 -23.73
C GLY B 141 -1.36 -1.99 -24.66
N ALA B 142 -0.54 -3.05 -24.78
CA ALA B 142 0.52 -3.10 -25.78
C ALA B 142 0.08 -3.87 -27.02
N LEU B 143 -1.17 -4.30 -27.07
CA LEU B 143 -1.80 -4.74 -28.31
C LEU B 143 -2.73 -3.69 -28.90
N ILE B 144 -3.29 -2.82 -28.04
CA ILE B 144 -4.07 -1.69 -28.52
C ILE B 144 -3.18 -0.73 -29.30
N THR B 145 -1.99 -0.44 -28.79
CA THR B 145 -1.09 0.48 -29.45
C THR B 145 -0.17 -0.19 -30.46
N VAL B 146 -0.32 -1.50 -30.68
CA VAL B 146 0.29 -2.15 -31.83
C VAL B 146 -0.69 -2.31 -32.98
N VAL B 147 -1.91 -2.77 -32.71
CA VAL B 147 -2.92 -2.92 -33.75
C VAL B 147 -3.51 -1.57 -34.15
N ARG B 148 -3.96 -0.77 -33.18
CA ARG B 148 -4.64 0.49 -33.49
C ARG B 148 -3.67 1.55 -34.03
N GLU B 149 -2.58 1.82 -33.30
CA GLU B 149 -1.65 2.83 -33.78
C GLU B 149 -0.83 2.32 -34.95
N GLY B 150 -0.63 1.01 -35.04
CA GLY B 150 -0.02 0.44 -36.23
C GLY B 150 -0.88 0.58 -37.47
N ALA B 151 -2.19 0.35 -37.34
CA ALA B 151 -3.11 0.62 -38.43
C ALA B 151 -3.28 2.10 -38.71
N SER B 152 -3.12 2.96 -37.70
CA SER B 152 -3.13 4.40 -37.93
C SER B 152 -1.90 4.83 -38.72
N ILE B 153 -0.72 4.30 -38.38
CA ILE B 153 0.49 4.57 -39.15
C ILE B 153 0.36 4.03 -40.56
N ILE B 154 -0.21 2.83 -40.72
CA ILE B 154 -0.40 2.25 -42.04
C ILE B 154 -1.40 3.04 -42.88
N GLY B 155 -2.57 3.38 -42.34
CA GLY B 155 -3.61 4.07 -43.07
C GLY B 155 -3.30 5.52 -43.33
N LEU B 156 -2.65 6.19 -42.40
CA LEU B 156 -2.23 7.56 -42.64
C LEU B 156 -1.05 7.66 -43.59
N PHE B 157 -0.36 6.54 -43.86
CA PHE B 157 0.67 6.50 -44.89
C PHE B 157 0.17 5.87 -46.18
N ILE B 158 -1.13 5.61 -46.29
CA ILE B 158 -1.75 5.34 -47.58
C ILE B 158 -2.47 6.55 -48.14
N MET B 159 -3.32 7.20 -47.36
CA MET B 159 -4.03 8.39 -47.79
C MET B 159 -3.10 9.57 -48.03
N MET B 160 -1.99 9.68 -47.30
CA MET B 160 -0.91 10.58 -47.65
C MET B 160 -0.19 10.18 -48.92
N PHE B 161 0.04 8.89 -49.15
CA PHE B 161 0.64 8.43 -50.40
C PHE B 161 -0.33 8.47 -51.57
N TYR B 162 -1.63 8.35 -51.31
CA TYR B 162 -2.59 8.49 -52.39
C TYR B 162 -2.72 9.93 -52.84
N TYR B 163 -2.66 10.88 -51.92
CA TYR B 163 -2.94 12.26 -52.27
C TYR B 163 -1.69 13.00 -52.73
N SER B 164 -0.58 12.82 -52.03
CA SER B 164 0.65 13.53 -52.40
C SER B 164 1.84 12.64 -52.06
N TRP B 165 2.35 11.93 -53.07
CA TRP B 165 3.49 11.04 -52.83
C TRP B 165 4.78 11.83 -52.59
N GLN B 166 4.85 13.06 -53.11
CA GLN B 166 6.07 13.87 -52.98
C GLN B 166 6.37 14.22 -51.53
N LEU B 167 5.36 14.68 -50.80
CA LEU B 167 5.54 14.93 -49.38
C LEU B 167 5.57 13.67 -48.55
N SER B 168 4.90 12.60 -49.01
CA SER B 168 4.87 11.37 -48.22
C SER B 168 6.19 10.62 -48.27
N ILE B 169 6.98 10.82 -49.34
CA ILE B 169 8.33 10.25 -49.36
C ILE B 169 9.21 10.92 -48.32
N ILE B 170 9.14 12.26 -48.24
CA ILE B 170 9.85 13.03 -47.22
C ILE B 170 9.37 12.62 -45.84
N LEU B 171 8.08 12.35 -45.69
CA LEU B 171 7.52 11.95 -44.42
C LEU B 171 7.95 10.56 -44.00
N ILE B 172 8.02 9.62 -44.96
CA ILE B 172 8.45 8.27 -44.65
C ILE B 172 9.96 8.21 -44.43
N VAL B 173 10.70 9.21 -44.87
CA VAL B 173 12.08 9.37 -44.45
C VAL B 173 12.17 9.95 -43.03
N LEU B 174 11.38 10.99 -42.74
CA LEU B 174 11.51 11.73 -41.50
C LEU B 174 10.94 10.98 -40.30
N ALA B 175 9.90 10.18 -40.48
CA ALA B 175 9.25 9.51 -39.36
C ALA B 175 10.13 8.48 -38.63
N PRO B 176 11.06 7.75 -39.28
CA PRO B 176 12.11 7.10 -38.48
C PRO B 176 12.96 8.04 -37.64
N ILE B 177 13.25 9.26 -38.13
CA ILE B 177 14.07 10.18 -37.36
C ILE B 177 13.31 10.70 -36.14
N VAL B 178 12.03 11.04 -36.32
CA VAL B 178 11.19 11.43 -35.20
C VAL B 178 10.96 10.28 -34.23
N SER B 179 10.81 9.05 -34.71
CA SER B 179 10.70 7.89 -33.82
C SER B 179 11.99 7.62 -33.05
N ILE B 180 13.15 7.81 -33.70
CA ILE B 180 14.44 7.67 -33.02
C ILE B 180 14.58 8.73 -31.93
N ALA B 181 14.15 9.97 -32.23
CA ALA B 181 14.16 11.04 -31.23
C ALA B 181 13.25 10.73 -30.05
N ILE B 182 12.05 10.22 -30.32
CA ILE B 182 11.12 9.85 -29.26
C ILE B 182 11.69 8.72 -28.41
N ARG B 183 12.35 7.75 -29.06
CA ARG B 183 12.97 6.64 -28.33
C ARG B 183 14.08 7.11 -27.40
N VAL B 184 14.98 7.96 -27.89
CA VAL B 184 16.11 8.36 -27.06
C VAL B 184 15.66 9.31 -25.94
N VAL B 185 14.68 10.17 -26.22
CA VAL B 185 14.21 11.10 -25.20
C VAL B 185 13.41 10.37 -24.11
N SER B 186 12.58 9.39 -24.50
CA SER B 186 11.86 8.62 -23.50
C SER B 186 12.81 7.68 -22.75
N LYS B 187 13.87 7.21 -23.40
CA LYS B 187 14.83 6.35 -22.73
C LYS B 187 15.64 7.13 -21.70
N ARG B 188 15.85 8.43 -21.94
CA ARG B 188 16.52 9.25 -20.94
C ARG B 188 15.67 9.36 -19.66
N PHE B 189 14.37 9.66 -19.81
CA PHE B 189 13.48 9.78 -18.65
C PHE B 189 13.34 8.44 -17.93
N ARG B 190 13.28 7.35 -18.70
CA ARG B 190 13.31 6.01 -18.15
C ARG B 190 14.62 5.69 -17.44
N ASN B 191 15.71 6.38 -17.78
CA ASN B 191 16.97 6.21 -17.05
C ASN B 191 16.96 6.92 -15.70
N ILE B 192 16.63 8.24 -15.66
CA ILE B 192 16.67 8.91 -14.34
C ILE B 192 15.57 8.39 -13.42
N SER B 193 14.40 8.02 -13.97
CA SER B 193 13.32 7.51 -13.13
C SER B 193 13.69 6.19 -12.45
N LYS B 194 14.22 5.23 -13.22
CA LYS B 194 14.59 3.95 -12.63
C LYS B 194 15.89 4.05 -11.84
N ASN B 195 16.59 5.17 -11.94
CA ASN B 195 17.78 5.39 -11.08
C ASN B 195 17.30 6.06 -9.80
N MET B 196 16.42 7.06 -9.92
CA MET B 196 15.88 7.80 -8.75
C MET B 196 15.04 6.86 -7.85
N GLN B 197 14.30 5.93 -8.45
CA GLN B 197 13.42 5.00 -7.68
C GLN B 197 14.06 4.64 -6.33
N ASN B 198 15.37 4.38 -6.30
CA ASN B 198 16.02 3.94 -5.06
C ASN B 198 16.11 5.07 -4.04
N THR B 199 16.39 6.29 -4.51
CA THR B 199 16.43 7.43 -3.60
C THR B 199 15.04 7.81 -3.11
N MET B 200 14.00 7.61 -3.95
CA MET B 200 12.63 7.74 -3.45
C MET B 200 12.32 6.73 -2.34
N GLY B 201 12.76 5.49 -2.50
CA GLY B 201 12.56 4.50 -1.45
C GLY B 201 13.30 4.84 -0.18
N GLN B 202 14.55 5.31 -0.31
CA GLN B 202 15.33 5.72 0.85
C GLN B 202 14.72 6.93 1.54
N VAL B 203 14.24 7.90 0.77
CA VAL B 203 13.69 9.12 1.34
C VAL B 203 12.29 8.88 1.90
N THR B 204 11.62 7.80 1.50
CA THR B 204 10.33 7.47 2.11
C THR B 204 10.52 6.69 3.40
N THR B 205 11.43 5.70 3.42
CA THR B 205 11.70 4.98 4.66
C THR B 205 12.40 5.86 5.69
N SER B 206 13.15 6.88 5.25
CA SER B 206 13.76 7.82 6.17
C SER B 206 12.74 8.70 6.88
N ALA B 207 11.55 8.88 6.33
CA ALA B 207 10.48 9.57 7.02
C ALA B 207 9.54 8.63 7.76
N GLU B 208 9.46 7.37 7.30
CA GLU B 208 8.75 6.35 8.04
C GLU B 208 9.41 6.05 9.38
N GLN B 209 10.75 5.98 9.39
CA GLN B 209 11.50 5.57 10.57
C GLN B 209 11.37 6.56 11.73
N MET B 210 11.41 7.87 11.42
CA MET B 210 11.32 8.86 12.48
C MET B 210 9.92 8.92 13.07
N LEU B 211 8.91 8.69 12.24
CA LEU B 211 7.54 8.58 12.73
C LEU B 211 7.29 7.31 13.53
N LYS B 212 8.02 6.23 13.22
CA LYS B 212 7.85 4.99 13.95
C LYS B 212 8.43 5.06 15.35
N GLY B 213 9.40 5.94 15.58
CA GLY B 213 10.01 6.10 16.89
C GLY B 213 9.44 7.29 17.64
N HIS B 214 8.12 7.44 17.58
CA HIS B 214 7.42 8.59 18.16
C HIS B 214 7.58 8.67 19.67
N LYS B 215 7.46 7.53 20.35
CA LYS B 215 7.46 7.52 21.81
C LYS B 215 8.82 7.92 22.38
N GLU B 216 9.90 7.41 21.79
CA GLU B 216 11.23 7.79 22.25
C GLU B 216 11.60 9.20 21.83
N VAL B 217 10.99 9.69 20.75
CA VAL B 217 11.11 11.11 20.38
C VAL B 217 10.53 11.99 21.48
N LEU B 218 9.36 11.61 21.99
CA LEU B 218 8.73 12.39 23.05
C LEU B 218 9.44 12.21 24.39
N ILE B 219 10.04 11.04 24.63
CA ILE B 219 10.69 10.80 25.91
C ILE B 219 12.03 11.51 25.99
N PHE B 220 12.91 11.32 25.00
CA PHE B 220 14.25 11.88 25.10
C PHE B 220 14.26 13.37 24.77
N GLY B 221 13.15 13.89 24.25
CA GLY B 221 12.98 15.31 24.07
C GLY B 221 13.34 15.86 22.71
N GLY B 222 13.59 15.00 21.73
CA GLY B 222 13.95 15.46 20.41
C GLY B 222 12.77 15.75 19.52
N GLN B 223 11.87 16.63 19.97
CA GLN B 223 10.80 17.16 19.14
C GLN B 223 11.22 18.46 18.47
N GLU B 224 12.46 18.89 18.69
CA GLU B 224 13.07 19.97 17.93
C GLU B 224 14.26 19.51 17.11
N VAL B 225 14.88 18.38 17.45
CA VAL B 225 15.90 17.78 16.60
C VAL B 225 15.28 17.01 15.44
N GLU B 226 14.23 16.24 15.68
CA GLU B 226 13.52 15.51 14.64
C GLU B 226 12.77 16.44 13.70
N THR B 227 12.34 17.60 14.18
CA THR B 227 11.81 18.64 13.31
C THR B 227 12.89 19.17 12.37
N LYS B 228 14.09 19.44 12.91
CA LYS B 228 15.21 19.87 12.09
C LYS B 228 15.73 18.78 11.17
N ARG B 229 15.46 17.51 11.47
CA ARG B 229 15.77 16.45 10.52
C ARG B 229 14.67 16.27 9.48
N PHE B 230 13.42 16.64 9.78
CA PHE B 230 12.39 16.62 8.76
C PHE B 230 12.44 17.85 7.86
N ASP B 231 13.21 18.87 8.23
CA ASP B 231 13.48 19.98 7.33
C ASP B 231 14.58 19.66 6.33
N LYS B 232 15.11 18.43 6.33
CA LYS B 232 16.16 18.04 5.42
C LYS B 232 15.74 16.86 4.57
N VAL B 233 14.74 16.08 5.02
CA VAL B 233 14.25 14.99 4.20
C VAL B 233 13.04 15.42 3.38
N SER B 234 12.20 16.33 3.90
CA SER B 234 11.15 16.91 3.08
C SER B 234 11.74 17.82 2.01
N ASN B 235 12.83 18.53 2.34
CA ASN B 235 13.59 19.26 1.34
C ASN B 235 14.31 18.34 0.36
N ARG B 236 14.55 17.08 0.73
CA ARG B 236 15.09 16.11 -0.20
C ARG B 236 14.02 15.42 -1.03
N MET B 237 12.78 15.37 -0.55
CA MET B 237 11.68 14.96 -1.39
C MET B 237 11.28 16.04 -2.39
N ARG B 238 11.32 17.31 -1.97
CA ARG B 238 10.98 18.41 -2.86
C ARG B 238 11.99 18.53 -4.00
N LEU B 239 13.28 18.43 -3.67
CA LEU B 239 14.31 18.56 -4.68
C LEU B 239 14.45 17.33 -5.56
N GLN B 240 13.77 16.24 -5.24
CA GLN B 240 13.67 15.09 -6.13
C GLN B 240 12.40 15.11 -6.96
N GLY B 241 11.30 15.60 -6.40
CA GLY B 241 10.08 15.78 -7.14
C GLY B 241 10.21 16.89 -8.16
N MET B 242 11.12 17.84 -7.92
CA MET B 242 11.43 18.82 -8.94
C MET B 242 12.42 18.30 -9.97
N LYS B 243 13.10 17.18 -9.73
CA LYS B 243 13.87 16.54 -10.79
C LYS B 243 13.07 15.50 -11.54
N MET B 244 11.91 15.10 -11.01
CA MET B 244 10.92 14.45 -11.85
C MET B 244 10.44 15.39 -12.96
N VAL B 245 10.17 16.65 -12.62
CA VAL B 245 9.60 17.58 -13.58
C VAL B 245 10.64 18.38 -14.34
N SER B 246 11.91 18.25 -13.99
CA SER B 246 12.99 18.79 -14.82
C SER B 246 13.48 17.75 -15.82
N ALA B 247 12.90 16.55 -15.77
CA ALA B 247 13.23 15.48 -16.70
C ALA B 247 12.03 14.96 -17.48
N SER B 248 10.83 15.02 -16.93
CA SER B 248 9.63 14.59 -17.64
C SER B 248 8.93 15.73 -18.35
N SER B 249 9.24 16.98 -18.02
CA SER B 249 8.69 18.11 -18.74
C SER B 249 9.71 18.80 -19.62
N ILE B 250 10.93 18.29 -19.71
CA ILE B 250 11.84 18.63 -20.79
C ILE B 250 11.71 17.62 -21.93
N SER B 251 11.05 16.50 -21.68
CA SER B 251 10.93 15.44 -22.68
C SER B 251 9.99 15.84 -23.81
N ASP B 252 8.75 16.15 -23.50
CA ASP B 252 7.76 16.46 -24.53
C ASP B 252 7.96 17.81 -25.23
N PRO B 253 8.49 18.87 -24.59
CA PRO B 253 8.95 20.02 -25.40
C PRO B 253 10.04 19.68 -26.41
N ILE B 254 10.96 18.79 -26.06
CA ILE B 254 12.00 18.38 -27.01
C ILE B 254 11.39 17.56 -28.13
N ILE B 255 10.49 16.64 -27.77
CA ILE B 255 9.86 15.73 -28.73
C ILE B 255 9.02 16.51 -29.75
N GLN B 256 8.21 17.47 -29.28
CA GLN B 256 7.38 18.26 -30.15
C GLN B 256 8.14 19.34 -30.90
N LEU B 257 9.41 19.58 -30.58
CA LEU B 257 10.24 20.48 -31.36
C LEU B 257 11.00 19.78 -32.48
N ILE B 258 11.53 18.58 -32.21
CA ILE B 258 12.08 17.73 -33.26
C ILE B 258 11.00 17.28 -34.24
N ALA B 259 9.82 16.94 -33.76
CA ALA B 259 8.69 16.60 -34.62
C ALA B 259 8.20 17.78 -35.46
N SER B 260 8.22 18.99 -34.89
CA SER B 260 7.83 20.16 -35.68
C SER B 260 8.90 20.58 -36.67
N LEU B 261 10.14 20.12 -36.51
CA LEU B 261 11.14 20.29 -37.55
C LEU B 261 10.80 19.48 -38.78
N ALA B 262 10.15 18.33 -38.62
CA ALA B 262 9.54 17.63 -39.74
C ALA B 262 8.35 18.38 -40.31
N LEU B 263 7.51 18.96 -39.45
CA LEU B 263 6.43 19.86 -39.86
C LEU B 263 6.94 21.09 -40.58
N ALA B 264 8.17 21.53 -40.30
CA ALA B 264 8.77 22.61 -41.04
C ALA B 264 9.46 22.14 -42.32
N PHE B 265 10.06 20.95 -42.30
CA PHE B 265 10.74 20.45 -43.50
C PHE B 265 9.75 20.10 -44.60
N VAL B 266 8.65 19.44 -44.25
CA VAL B 266 7.59 19.17 -45.22
C VAL B 266 6.92 20.44 -45.72
N LEU B 267 6.77 21.45 -44.86
CA LEU B 267 6.21 22.73 -45.26
C LEU B 267 7.14 23.53 -46.16
N TYR B 268 8.45 23.51 -45.90
CA TYR B 268 9.42 24.15 -46.77
C TYR B 268 9.59 23.41 -48.08
N ALA B 269 9.46 22.08 -48.07
CA ALA B 269 9.53 21.31 -49.29
C ALA B 269 8.30 21.50 -50.17
N ALA B 270 7.18 21.95 -49.60
CA ALA B 270 5.97 22.24 -50.36
C ALA B 270 6.01 23.61 -51.01
N SER B 271 7.10 24.36 -50.81
CA SER B 271 7.34 25.61 -51.53
C SER B 271 8.13 25.39 -52.81
N PHE B 272 8.60 24.18 -53.05
CA PHE B 272 9.39 23.86 -54.24
C PHE B 272 8.50 23.95 -55.47
N PRO B 273 8.96 24.58 -56.56
CA PRO B 273 8.02 25.13 -57.56
C PRO B 273 7.26 24.13 -58.39
N SER B 274 7.95 23.16 -59.01
CA SER B 274 7.30 22.30 -59.99
C SER B 274 7.19 20.85 -59.53
N VAL B 275 8.19 20.31 -58.85
CA VAL B 275 8.12 18.92 -58.40
C VAL B 275 7.10 18.78 -57.27
N MET B 276 7.15 19.68 -56.30
CA MET B 276 6.05 19.89 -55.36
C MET B 276 5.28 21.13 -55.77
N ASP B 277 4.35 21.55 -54.91
CA ASP B 277 3.42 22.67 -55.10
C ASP B 277 2.55 22.50 -56.34
N SER B 278 2.35 21.27 -56.79
CA SER B 278 1.23 20.89 -57.64
C SER B 278 0.09 20.32 -56.80
N LEU B 279 0.02 20.74 -55.54
CA LEU B 279 -0.88 20.19 -54.55
C LEU B 279 -2.01 21.17 -54.31
N THR B 280 -3.24 20.67 -54.28
CA THR B 280 -4.39 21.51 -54.08
C THR B 280 -4.52 21.89 -52.61
N ALA B 281 -5.56 22.69 -52.31
CA ALA B 281 -5.82 23.09 -50.94
C ALA B 281 -6.29 21.91 -50.09
N GLY B 282 -7.13 21.05 -50.66
CA GLY B 282 -7.61 19.89 -49.91
C GLY B 282 -6.53 18.87 -49.65
N THR B 283 -5.66 18.65 -50.63
CA THR B 283 -4.55 17.71 -50.47
C THR B 283 -3.56 18.20 -49.42
N ILE B 284 -3.24 19.50 -49.45
CA ILE B 284 -2.32 20.04 -48.45
C ILE B 284 -3.00 20.18 -47.09
N THR B 285 -4.33 20.16 -47.03
CA THR B 285 -5.01 20.07 -45.74
C THR B 285 -4.98 18.64 -45.20
N VAL B 286 -5.10 17.64 -46.09
CA VAL B 286 -5.08 16.26 -45.64
C VAL B 286 -3.70 15.87 -45.15
N VAL B 287 -2.66 16.20 -45.91
CA VAL B 287 -1.28 15.87 -45.53
C VAL B 287 -0.83 16.59 -44.27
N PHE B 288 -1.24 17.84 -44.07
CA PHE B 288 -0.80 18.62 -42.92
C PHE B 288 -1.72 18.49 -41.72
N SER B 289 -2.77 17.68 -41.82
CA SER B 289 -3.56 17.31 -40.65
C SER B 289 -3.35 15.85 -40.27
N SER B 290 -2.91 15.03 -41.21
CA SER B 290 -2.53 13.66 -40.88
C SER B 290 -1.21 13.63 -40.13
N MET B 291 -0.32 14.59 -40.43
CA MET B 291 0.95 14.72 -39.72
C MET B 291 0.75 15.06 -38.25
N ILE B 292 -0.20 15.95 -37.95
CA ILE B 292 -0.56 16.22 -36.57
C ILE B 292 -1.23 15.01 -35.93
N ALA B 293 -1.91 14.19 -36.72
CA ALA B 293 -2.49 12.94 -36.25
C ALA B 293 -1.53 11.78 -36.35
N LEU B 294 -0.32 12.00 -36.85
CA LEU B 294 0.74 10.99 -36.86
C LEU B 294 1.61 11.05 -35.62
N MET B 295 1.43 12.05 -34.77
CA MET B 295 2.31 12.20 -33.63
C MET B 295 1.99 11.21 -32.53
N ARG B 296 0.72 10.92 -32.27
CA ARG B 296 0.39 9.96 -31.22
C ARG B 296 0.59 8.52 -31.67
N PRO B 297 0.31 8.11 -32.92
CA PRO B 297 0.83 6.80 -33.37
C PRO B 297 2.35 6.65 -33.32
N LEU B 298 3.12 7.70 -33.63
CA LEU B 298 4.56 7.60 -33.53
C LEU B 298 5.07 7.58 -32.10
N LYS B 299 4.40 8.27 -31.19
CA LYS B 299 4.77 8.22 -29.78
C LYS B 299 4.39 6.87 -29.18
N SER B 300 3.24 6.32 -29.55
CA SER B 300 2.76 5.10 -28.93
C SER B 300 3.49 3.88 -29.45
N LEU B 301 3.79 3.83 -30.75
CA LEU B 301 4.49 2.68 -31.31
C LEU B 301 5.96 2.65 -30.95
N THR B 302 6.51 3.76 -30.48
CA THR B 302 7.90 3.76 -30.07
C THR B 302 8.06 3.33 -28.61
N ASN B 303 7.05 3.60 -27.78
CA ASN B 303 7.08 3.27 -26.37
C ASN B 303 6.25 2.03 -26.05
N VAL B 304 5.85 1.26 -27.06
CA VAL B 304 5.08 0.04 -26.79
C VAL B 304 6.00 -1.04 -26.23
N ASN B 305 7.26 -1.07 -26.67
CA ASN B 305 8.21 -2.06 -26.17
C ASN B 305 8.65 -1.77 -24.74
N ALA B 306 8.44 -0.55 -24.25
CA ALA B 306 8.62 -0.24 -22.84
C ALA B 306 7.31 -0.37 -22.07
N GLN B 307 6.24 -0.80 -22.73
CA GLN B 307 4.98 -1.16 -22.07
C GLN B 307 4.76 -2.66 -22.05
N PHE B 308 5.07 -3.33 -23.16
CA PHE B 308 5.02 -4.78 -23.21
C PHE B 308 6.05 -5.44 -22.31
N GLN B 309 7.21 -4.80 -22.12
CA GLN B 309 8.24 -5.31 -21.23
C GLN B 309 8.08 -4.79 -19.81
N ARG B 310 6.99 -4.08 -19.52
CA ARG B 310 6.52 -3.88 -18.16
C ARG B 310 5.44 -4.90 -17.81
N GLY B 311 4.86 -5.55 -18.80
CA GLY B 311 3.91 -6.61 -18.58
C GLY B 311 4.60 -7.95 -18.52
N MET B 312 5.57 -8.16 -19.39
CA MET B 312 6.35 -9.39 -19.34
C MET B 312 7.36 -9.41 -18.20
N ALA B 313 7.73 -8.25 -17.64
CA ALA B 313 8.55 -8.22 -16.45
C ALA B 313 7.78 -8.56 -15.19
N ALA B 314 6.46 -8.41 -15.20
CA ALA B 314 5.63 -8.88 -14.11
C ALA B 314 5.08 -10.28 -14.36
N CYS B 315 4.97 -10.69 -15.63
CA CYS B 315 4.58 -12.06 -15.94
C CYS B 315 5.65 -13.06 -15.54
N GLN B 316 6.92 -12.73 -15.78
CA GLN B 316 8.04 -13.56 -15.34
C GLN B 316 8.32 -13.41 -13.85
N THR B 317 7.70 -12.44 -13.19
CA THR B 317 7.67 -12.36 -11.74
C THR B 317 6.61 -13.28 -11.15
N LEU B 318 5.45 -13.34 -11.81
CA LEU B 318 4.39 -14.25 -11.39
C LEU B 318 4.77 -15.70 -11.63
N PHE B 319 5.48 -15.97 -12.73
CA PHE B 319 5.86 -17.35 -13.02
C PHE B 319 7.02 -17.86 -12.17
N THR B 320 7.59 -17.04 -11.29
CA THR B 320 8.44 -17.59 -10.23
C THR B 320 7.63 -18.48 -9.31
N ILE B 321 6.40 -18.05 -8.98
CA ILE B 321 5.51 -18.86 -8.15
C ILE B 321 5.01 -20.08 -8.88
N LEU B 322 4.71 -19.98 -10.17
CA LEU B 322 4.15 -21.09 -10.92
C LEU B 322 5.17 -22.19 -11.22
N ASP B 323 6.47 -21.88 -11.11
CA ASP B 323 7.50 -22.90 -11.13
C ASP B 323 8.14 -23.14 -9.78
N SER B 324 7.63 -22.52 -8.70
CA SER B 324 8.14 -22.77 -7.36
C SER B 324 7.72 -24.17 -6.89
N GLU B 325 8.45 -24.72 -5.92
CA GLU B 325 8.14 -26.05 -5.42
C GLU B 325 7.01 -25.97 -4.41
N GLN B 326 5.99 -26.81 -4.59
CA GLN B 326 4.90 -26.89 -3.65
C GLN B 326 5.30 -27.72 -2.44
N GLU B 327 4.34 -27.94 -1.54
CA GLU B 327 4.62 -28.75 -0.37
C GLU B 327 4.74 -30.21 -0.74
N LYS B 328 5.73 -30.88 -0.14
CA LYS B 328 6.16 -32.20 -0.58
C LYS B 328 5.20 -33.25 -0.04
N ASP B 329 4.30 -33.73 -0.88
CA ASP B 329 3.41 -34.84 -0.55
C ASP B 329 4.04 -36.16 -1.00
N GLU B 330 5.25 -36.42 -0.50
CA GLU B 330 6.01 -37.60 -0.87
C GLU B 330 5.72 -38.76 0.09
N GLY B 331 4.43 -39.05 0.24
CA GLY B 331 3.96 -40.13 1.06
C GLY B 331 2.76 -40.82 0.44
N LYS B 332 2.62 -42.12 0.69
CA LYS B 332 1.60 -42.92 0.01
C LYS B 332 0.64 -43.64 0.94
N ARG B 333 0.82 -43.56 2.25
CA ARG B 333 -0.05 -44.28 3.17
C ARG B 333 -1.07 -43.35 3.81
N VAL B 334 -2.26 -43.88 4.07
CA VAL B 334 -3.41 -43.11 4.55
C VAL B 334 -3.78 -43.61 5.94
N ILE B 335 -3.97 -42.68 6.88
CA ILE B 335 -4.31 -43.02 8.26
C ILE B 335 -5.82 -42.96 8.38
N GLU B 336 -6.43 -44.09 8.74
CA GLU B 336 -7.86 -44.07 9.05
C GLU B 336 -8.12 -43.37 10.39
N ARG B 337 -7.35 -43.73 11.42
CA ARG B 337 -7.38 -43.05 12.70
C ARG B 337 -6.06 -43.30 13.42
N ALA B 338 -5.47 -42.23 13.96
CA ALA B 338 -4.18 -42.31 14.62
C ALA B 338 -4.35 -42.73 16.07
N THR B 339 -4.69 -44.01 16.24
CA THR B 339 -4.83 -44.57 17.60
C THR B 339 -3.48 -44.76 18.25
N GLY B 340 -2.42 -44.93 17.43
CA GLY B 340 -1.09 -45.08 17.99
C GLY B 340 -0.57 -43.76 18.54
N ASP B 341 0.33 -43.87 19.51
CA ASP B 341 0.89 -42.70 20.18
C ASP B 341 2.03 -42.11 19.34
N VAL B 342 1.93 -40.81 19.06
CA VAL B 342 3.00 -40.13 18.33
C VAL B 342 4.14 -39.83 19.28
N GLU B 343 5.37 -40.08 18.81
CA GLU B 343 6.57 -39.96 19.66
C GLU B 343 7.70 -39.39 18.82
N PHE B 344 8.36 -38.36 19.31
CA PHE B 344 9.56 -37.85 18.64
C PHE B 344 10.70 -38.86 18.84
N ARG B 345 11.57 -38.98 17.84
CA ARG B 345 12.70 -39.90 17.88
C ARG B 345 13.89 -39.22 17.20
N ASN B 346 14.82 -38.74 18.04
CA ASN B 346 16.10 -38.14 17.61
C ASN B 346 15.89 -36.92 16.70
N VAL B 347 14.83 -36.16 16.97
CA VAL B 347 14.37 -35.11 16.09
C VAL B 347 15.14 -33.82 16.38
N THR B 348 15.73 -33.23 15.33
CA THR B 348 16.42 -31.96 15.42
C THR B 348 15.96 -31.08 14.25
N PHE B 349 15.53 -29.86 14.55
CA PHE B 349 14.92 -29.00 13.54
C PHE B 349 15.57 -27.62 13.58
N THR B 350 15.69 -27.02 12.39
CA THR B 350 16.16 -25.64 12.22
C THR B 350 15.16 -24.89 11.35
N TYR B 351 14.92 -23.63 11.69
CA TYR B 351 14.00 -22.80 10.91
C TYR B 351 14.58 -22.50 9.53
N PRO B 352 13.76 -22.58 8.48
CA PRO B 352 14.19 -22.07 7.17
C PRO B 352 14.36 -20.55 7.21
N GLY B 353 15.39 -20.08 6.51
CA GLY B 353 15.73 -18.68 6.52
C GLY B 353 16.57 -18.22 7.69
N ARG B 354 16.89 -19.12 8.62
CA ARG B 354 17.70 -18.79 9.78
C ARG B 354 18.68 -19.93 10.04
N ASP B 355 19.73 -19.63 10.79
CA ASP B 355 20.79 -20.60 11.06
C ASP B 355 20.77 -21.12 12.49
N VAL B 356 20.09 -20.43 13.41
CA VAL B 356 20.01 -20.90 14.80
C VAL B 356 18.97 -22.01 14.90
N PRO B 357 19.34 -23.17 15.42
CA PRO B 357 18.34 -24.24 15.57
C PRO B 357 17.38 -23.96 16.71
N ALA B 358 16.09 -24.19 16.45
CA ALA B 358 15.04 -24.03 17.45
C ALA B 358 14.64 -25.33 18.12
N LEU B 359 15.37 -26.43 17.86
CA LEU B 359 15.06 -27.72 18.46
C LEU B 359 16.33 -28.54 18.56
N ARG B 360 16.73 -28.87 19.78
CA ARG B 360 17.84 -29.79 20.00
C ARG B 360 17.40 -31.23 19.79
N ASN B 361 18.36 -32.14 19.98
CA ASN B 361 18.13 -33.56 19.77
C ASN B 361 17.25 -34.15 20.86
N ILE B 362 15.94 -34.18 20.60
CA ILE B 362 14.94 -34.39 21.64
C ILE B 362 14.05 -35.58 21.29
N ASN B 363 13.91 -36.50 22.24
CA ASN B 363 12.93 -37.59 22.19
C ASN B 363 11.78 -37.22 23.12
N LEU B 364 10.59 -36.99 22.55
CA LEU B 364 9.41 -36.60 23.33
C LEU B 364 8.27 -37.55 22.94
N LYS B 365 7.77 -38.29 23.92
CA LYS B 365 6.67 -39.23 23.71
C LYS B 365 5.37 -38.62 24.18
N ILE B 366 4.36 -38.62 23.31
CA ILE B 366 3.01 -38.19 23.66
C ILE B 366 2.11 -39.43 23.69
N PRO B 367 1.74 -39.92 24.87
CA PRO B 367 0.95 -41.17 24.94
C PRO B 367 -0.48 -40.96 24.48
N ALA B 368 -1.06 -42.06 23.97
CA ALA B 368 -2.40 -42.01 23.41
C ALA B 368 -3.45 -41.85 24.50
N GLY B 369 -4.28 -40.82 24.36
CA GLY B 369 -5.30 -40.51 25.34
C GLY B 369 -4.81 -39.73 26.54
N LYS B 370 -3.52 -39.40 26.60
CA LYS B 370 -2.95 -38.68 27.74
C LYS B 370 -2.35 -37.38 27.25
N THR B 371 -2.75 -36.27 27.87
CA THR B 371 -2.29 -34.96 27.44
C THR B 371 -0.87 -34.69 27.93
N VAL B 372 -0.13 -33.90 27.15
CA VAL B 372 1.23 -33.50 27.48
C VAL B 372 1.28 -31.98 27.39
N ALA B 373 1.62 -31.33 28.50
CA ALA B 373 1.63 -29.87 28.54
C ALA B 373 2.97 -29.32 28.06
N LEU B 374 2.93 -28.09 27.55
CA LEU B 374 4.13 -27.33 27.22
C LEU B 374 4.10 -26.02 27.99
N VAL B 375 4.83 -25.96 29.10
CA VAL B 375 4.73 -24.87 30.06
C VAL B 375 5.81 -23.84 29.77
N GLY B 376 5.39 -22.61 29.53
CA GLY B 376 6.30 -21.52 29.24
C GLY B 376 5.60 -20.44 28.44
N ARG B 377 6.38 -19.46 27.99
CA ARG B 377 5.87 -18.35 27.21
C ARG B 377 6.32 -18.39 25.76
N SER B 378 7.63 -18.40 25.52
CA SER B 378 8.17 -18.50 24.16
C SER B 378 8.93 -19.79 23.95
N GLY B 379 9.98 -20.04 24.74
CA GLY B 379 10.73 -21.28 24.68
C GLY B 379 11.69 -21.42 23.52
N SER B 380 11.52 -20.63 22.46
CA SER B 380 12.24 -20.77 21.17
C SER B 380 12.13 -22.20 20.63
N GLY B 381 10.90 -22.63 20.38
CA GLY B 381 10.65 -24.00 19.98
C GLY B 381 9.35 -24.59 20.50
N LYS B 382 8.60 -23.83 21.31
CA LYS B 382 7.36 -24.33 21.85
C LYS B 382 6.27 -24.45 20.78
N SER B 383 6.01 -23.36 20.06
CA SER B 383 5.07 -23.40 18.95
C SER B 383 5.66 -24.12 17.74
N THR B 384 6.99 -24.19 17.66
CA THR B 384 7.64 -24.95 16.59
C THR B 384 7.33 -26.44 16.71
N ILE B 385 7.38 -26.98 17.93
CA ILE B 385 7.03 -28.38 18.18
C ILE B 385 5.59 -28.66 17.80
N ALA B 386 4.68 -27.73 18.08
CA ALA B 386 3.30 -27.84 17.65
C ALA B 386 3.17 -27.80 16.14
N SER B 387 4.04 -27.04 15.46
CA SER B 387 4.01 -26.99 14.00
C SER B 387 4.58 -28.25 13.33
N LEU B 388 5.54 -28.93 13.96
CA LEU B 388 6.13 -30.10 13.31
C LEU B 388 5.19 -31.31 13.24
N ILE B 389 4.23 -31.43 14.16
CA ILE B 389 3.31 -32.56 14.11
C ILE B 389 2.35 -32.42 12.94
N THR B 390 2.01 -31.20 12.57
CA THR B 390 1.14 -30.94 11.42
C THR B 390 1.90 -30.89 10.11
N ARG B 391 3.23 -31.04 10.15
CA ARG B 391 4.15 -30.94 9.02
C ARG B 391 4.02 -29.62 8.27
N PHE B 392 3.86 -28.51 9.00
CA PHE B 392 3.87 -27.20 8.38
C PHE B 392 5.25 -26.88 7.80
N TYR B 393 6.29 -27.15 8.58
CA TYR B 393 7.68 -27.03 8.13
C TYR B 393 8.24 -28.45 8.13
N ASP B 394 8.83 -28.85 7.01
CA ASP B 394 9.39 -30.18 6.89
C ASP B 394 10.60 -30.35 7.79
N ILE B 395 10.79 -31.56 8.28
CA ILE B 395 11.81 -31.85 9.27
C ILE B 395 13.15 -32.01 8.57
N ASP B 396 14.22 -31.51 9.20
CA ASP B 396 15.56 -31.59 8.67
C ASP B 396 16.20 -32.95 8.89
N GLU B 397 16.38 -33.35 10.14
CA GLU B 397 16.84 -34.70 10.47
C GLU B 397 16.09 -35.18 11.72
N GLY B 398 16.03 -36.49 11.87
CA GLY B 398 15.24 -37.10 12.92
C GLY B 398 13.98 -37.74 12.36
N GLU B 399 13.16 -38.28 13.26
CA GLU B 399 11.92 -38.92 12.83
C GLU B 399 10.87 -38.75 13.91
N ILE B 400 9.79 -38.04 13.59
CA ILE B 400 8.64 -37.97 14.48
C ILE B 400 7.73 -39.14 14.15
N LEU B 401 7.88 -40.23 14.88
CA LEU B 401 7.18 -41.48 14.61
C LEU B 401 5.71 -41.33 14.93
N MET B 402 4.85 -41.69 13.98
CA MET B 402 3.41 -41.60 14.15
C MET B 402 2.84 -42.98 13.80
N ASP B 403 2.36 -43.69 14.83
CA ASP B 403 1.84 -45.06 14.75
C ASP B 403 2.86 -46.02 14.12
N GLY B 404 4.12 -45.87 14.53
CA GLY B 404 5.18 -46.76 14.08
C GLY B 404 5.92 -46.32 12.85
N HIS B 405 5.48 -45.24 12.19
CA HIS B 405 6.12 -44.77 10.96
C HIS B 405 6.31 -43.26 11.04
N ASP B 406 7.22 -42.76 10.20
CA ASP B 406 7.50 -41.34 10.17
C ASP B 406 6.40 -40.58 9.44
N LEU B 407 6.40 -39.26 9.61
CA LEU B 407 5.37 -38.42 9.00
C LEU B 407 5.53 -38.35 7.48
N ARG B 408 6.77 -38.42 6.99
CA ARG B 408 7.02 -38.32 5.56
C ARG B 408 6.52 -39.54 4.79
N GLU B 409 6.31 -40.67 5.47
CA GLU B 409 5.79 -41.85 4.81
C GLU B 409 4.31 -41.72 4.45
N TYR B 410 3.56 -40.91 5.17
CA TYR B 410 2.12 -40.78 4.95
C TYR B 410 1.82 -39.68 3.96
N THR B 411 0.64 -39.78 3.33
CA THR B 411 0.11 -38.68 2.55
C THR B 411 -0.22 -37.51 3.46
N LEU B 412 -0.04 -36.29 2.93
CA LEU B 412 -0.04 -35.11 3.78
C LEU B 412 -1.45 -34.71 4.20
N ALA B 413 -2.45 -34.94 3.32
CA ALA B 413 -3.83 -34.63 3.67
C ALA B 413 -4.35 -35.55 4.76
N SER B 414 -4.05 -36.84 4.66
CA SER B 414 -4.48 -37.78 5.70
C SER B 414 -3.70 -37.58 6.99
N LEU B 415 -2.45 -37.11 6.88
CA LEU B 415 -1.68 -36.77 8.06
C LEU B 415 -2.28 -35.56 8.78
N ARG B 416 -2.67 -34.53 8.02
CA ARG B 416 -3.22 -33.35 8.64
C ARG B 416 -4.68 -33.54 9.06
N ASN B 417 -5.34 -34.58 8.56
CA ASN B 417 -6.69 -34.88 9.02
C ASN B 417 -6.70 -35.34 10.47
N GLN B 418 -5.63 -36.01 10.91
CA GLN B 418 -5.59 -36.51 12.28
C GLN B 418 -5.36 -35.38 13.28
N VAL B 419 -4.58 -34.38 12.91
CA VAL B 419 -4.28 -33.30 13.84
C VAL B 419 -5.38 -32.24 13.77
N ALA B 420 -5.53 -31.48 14.87
CA ALA B 420 -6.55 -30.44 14.95
C ALA B 420 -6.08 -29.36 15.94
N LEU B 421 -5.57 -28.25 15.40
CA LEU B 421 -5.21 -27.12 16.25
C LEU B 421 -6.46 -26.40 16.75
N VAL B 422 -6.36 -25.85 17.95
CA VAL B 422 -7.36 -24.97 18.52
C VAL B 422 -6.66 -23.72 18.99
N SER B 423 -7.13 -22.56 18.55
CA SER B 423 -6.47 -21.32 18.91
C SER B 423 -7.49 -20.22 19.16
N GLN B 424 -7.12 -19.29 20.04
CA GLN B 424 -7.88 -18.04 20.22
C GLN B 424 -7.79 -17.14 19.01
N ASN B 425 -6.70 -17.25 18.24
CA ASN B 425 -6.53 -16.51 17.01
C ASN B 425 -6.94 -17.32 15.78
N VAL B 426 -8.00 -18.12 15.91
CA VAL B 426 -8.39 -19.03 14.84
C VAL B 426 -8.99 -18.25 13.67
N HIS B 427 -8.95 -18.86 12.50
CA HIS B 427 -9.45 -18.21 11.30
C HIS B 427 -10.92 -18.49 11.12
N LEU B 428 -11.68 -17.46 10.74
CA LEU B 428 -13.11 -17.55 10.52
C LEU B 428 -13.40 -17.21 9.06
N PHE B 429 -13.89 -18.19 8.32
CA PHE B 429 -14.20 -17.99 6.91
C PHE B 429 -15.48 -17.18 6.75
N ASN B 430 -15.66 -16.62 5.55
CA ASN B 430 -16.93 -15.96 5.20
C ASN B 430 -17.91 -17.03 4.71
N ASP B 431 -18.38 -17.82 5.66
CA ASP B 431 -19.30 -18.91 5.37
C ASP B 431 -20.34 -18.96 6.49
N THR B 432 -21.33 -19.84 6.33
CA THR B 432 -22.25 -20.12 7.43
C THR B 432 -21.52 -20.87 8.53
N VAL B 433 -22.02 -20.73 9.76
CA VAL B 433 -21.35 -21.37 10.89
C VAL B 433 -21.55 -22.88 10.86
N ALA B 434 -22.55 -23.37 10.13
CA ALA B 434 -22.68 -24.79 9.88
C ALA B 434 -21.51 -25.31 9.05
N ASN B 435 -21.12 -24.56 8.02
CA ASN B 435 -19.97 -24.95 7.21
C ASN B 435 -18.66 -24.56 7.86
N ASN B 436 -18.69 -23.55 8.75
CA ASN B 436 -17.48 -23.16 9.47
C ASN B 436 -17.12 -24.17 10.54
N ILE B 437 -18.12 -24.79 11.16
CA ILE B 437 -17.91 -25.91 12.05
C ILE B 437 -17.39 -27.14 11.30
N ALA B 438 -17.83 -27.34 10.07
CA ALA B 438 -17.57 -28.58 9.33
C ALA B 438 -16.88 -28.26 8.01
N TYR B 439 -15.81 -27.48 8.06
CA TYR B 439 -15.04 -27.11 6.88
C TYR B 439 -14.46 -28.33 6.18
N ALA B 440 -14.65 -28.38 4.85
CA ALA B 440 -14.35 -29.50 3.96
C ALA B 440 -15.03 -30.80 4.34
N ARG B 441 -16.10 -30.75 5.15
CA ARG B 441 -16.84 -31.92 5.59
C ARG B 441 -18.32 -31.58 5.56
N THR B 442 -18.71 -30.64 4.69
CA THR B 442 -20.10 -30.24 4.54
C THR B 442 -20.96 -31.31 3.87
N GLU B 443 -20.39 -32.05 2.92
CA GLU B 443 -21.16 -33.02 2.15
C GLU B 443 -21.45 -34.29 2.94
N GLN B 444 -20.40 -34.93 3.48
CA GLN B 444 -20.58 -36.21 4.16
C GLN B 444 -21.22 -36.02 5.53
N TYR B 445 -20.78 -35.01 6.27
CA TYR B 445 -21.21 -34.81 7.65
C TYR B 445 -22.39 -33.84 7.63
N SER B 446 -23.58 -34.35 7.90
CA SER B 446 -24.81 -33.58 7.75
C SER B 446 -25.02 -32.63 8.93
N ARG B 447 -26.15 -31.93 8.90
CA ARG B 447 -26.42 -30.87 9.87
C ARG B 447 -26.69 -31.42 11.27
N GLU B 448 -27.12 -32.69 11.36
CA GLU B 448 -27.40 -33.30 12.66
C GLU B 448 -26.13 -33.44 13.49
N GLN B 449 -25.05 -33.93 12.87
CA GLN B 449 -23.76 -34.04 13.54
C GLN B 449 -23.23 -32.68 13.94
N ILE B 450 -23.45 -31.67 13.08
CA ILE B 450 -23.01 -30.31 13.35
C ILE B 450 -23.73 -29.73 14.57
N GLU B 451 -25.04 -29.94 14.67
CA GLU B 451 -25.77 -29.33 15.79
C GLU B 451 -25.53 -30.08 17.09
N GLU B 452 -25.37 -31.41 17.05
CA GLU B 452 -25.00 -32.14 18.26
C GLU B 452 -23.58 -31.80 18.71
N ALA B 453 -22.67 -31.55 17.77
CA ALA B 453 -21.31 -31.21 18.15
C ALA B 453 -21.22 -29.78 18.66
N ALA B 454 -22.08 -28.89 18.14
CA ALA B 454 -22.13 -27.53 18.66
C ALA B 454 -22.74 -27.51 20.05
N ARG B 455 -23.72 -28.37 20.31
CA ARG B 455 -24.30 -28.45 21.66
C ARG B 455 -23.35 -29.14 22.62
N MET B 456 -22.51 -30.05 22.12
CA MET B 456 -21.59 -30.77 22.98
C MET B 456 -20.46 -29.87 23.48
N ALA B 457 -20.09 -28.88 22.67
CA ALA B 457 -19.07 -27.92 23.05
C ALA B 457 -19.63 -26.69 23.74
N TYR B 458 -20.94 -26.70 24.03
CA TYR B 458 -21.67 -25.58 24.65
C TYR B 458 -21.55 -24.30 23.83
N ALA B 459 -21.37 -24.44 22.52
CA ALA B 459 -21.25 -23.27 21.66
C ALA B 459 -22.61 -22.63 21.41
N MET B 460 -23.65 -23.46 21.28
CA MET B 460 -24.95 -23.08 20.74
C MET B 460 -25.62 -21.94 21.50
N ASP B 461 -25.30 -21.78 22.80
CA ASP B 461 -25.82 -20.68 23.62
C ASP B 461 -25.52 -19.32 23.02
N PHE B 462 -24.41 -19.19 22.30
CA PHE B 462 -24.19 -17.97 21.52
C PHE B 462 -24.79 -18.06 20.12
N ILE B 463 -24.76 -19.25 19.50
CA ILE B 463 -25.23 -19.37 18.11
C ILE B 463 -26.75 -19.25 18.02
N ASN B 464 -27.49 -19.85 18.96
CA ASN B 464 -28.96 -19.87 18.86
C ASN B 464 -29.58 -18.49 19.10
N LYS B 465 -28.83 -17.57 19.70
CA LYS B 465 -29.29 -16.22 19.93
C LYS B 465 -28.85 -15.23 18.86
N MET B 466 -28.19 -15.69 17.80
CA MET B 466 -27.73 -14.79 16.74
C MET B 466 -28.89 -14.39 15.84
N ASP B 467 -28.54 -13.69 14.75
CA ASP B 467 -29.55 -13.11 13.87
C ASP B 467 -30.19 -14.18 12.98
N ASN B 468 -29.43 -15.21 12.61
CA ASN B 468 -29.91 -16.19 11.64
C ASN B 468 -29.69 -17.64 12.10
N GLY B 469 -29.30 -17.85 13.35
CA GLY B 469 -29.04 -19.20 13.80
C GLY B 469 -27.76 -19.78 13.21
N LEU B 470 -27.88 -20.99 12.65
CA LEU B 470 -26.74 -21.65 12.03
C LEU B 470 -26.64 -21.30 10.55
N ASP B 471 -26.68 -20.00 10.23
CA ASP B 471 -26.49 -19.53 8.86
C ASP B 471 -25.72 -18.23 8.83
N THR B 472 -25.19 -17.78 9.97
CA THR B 472 -24.60 -16.45 10.07
C THR B 472 -23.22 -16.41 9.45
N VAL B 473 -22.88 -15.28 8.82
CA VAL B 473 -21.52 -15.05 8.35
C VAL B 473 -20.70 -14.50 9.51
N ILE B 474 -19.55 -15.13 9.78
CA ILE B 474 -18.78 -14.83 10.98
C ILE B 474 -17.55 -13.98 10.70
N GLY B 475 -16.92 -14.12 9.54
CA GLY B 475 -15.63 -13.53 9.26
C GLY B 475 -15.68 -12.04 8.99
N GLU B 476 -14.72 -11.57 8.21
CA GLU B 476 -14.70 -10.17 7.85
C GLU B 476 -15.86 -9.88 6.89
N ASN B 477 -16.39 -8.65 6.99
CA ASN B 477 -17.74 -8.30 6.56
C ASN B 477 -18.78 -9.25 7.14
N GLY B 478 -18.68 -9.50 8.45
CA GLY B 478 -19.64 -10.34 9.13
C GLY B 478 -19.90 -9.80 10.53
N VAL B 479 -20.39 -10.69 11.39
CA VAL B 479 -20.79 -10.29 12.73
C VAL B 479 -19.59 -10.18 13.66
N LEU B 480 -18.46 -10.79 13.26
CA LEU B 480 -17.17 -10.70 13.96
C LEU B 480 -17.23 -11.19 15.40
N LEU B 481 -17.40 -12.50 15.59
CA LEU B 481 -17.56 -13.13 16.90
C LEU B 481 -16.40 -12.87 17.86
N SER B 482 -16.64 -13.14 19.15
CA SER B 482 -15.76 -12.71 20.23
C SER B 482 -14.44 -13.49 20.22
N GLY B 483 -13.47 -12.94 20.98
CA GLY B 483 -12.16 -13.58 21.07
C GLY B 483 -12.20 -14.93 21.79
N GLY B 484 -12.93 -14.99 22.90
CA GLY B 484 -13.18 -16.29 23.51
C GLY B 484 -14.11 -17.15 22.67
N GLN B 485 -15.01 -16.52 21.92
CA GLN B 485 -15.86 -17.28 21.01
C GLN B 485 -15.08 -17.79 19.80
N ARG B 486 -13.93 -17.19 19.50
CA ARG B 486 -13.04 -17.77 18.50
C ARG B 486 -12.48 -19.11 18.98
N GLN B 487 -12.07 -19.19 20.24
CA GLN B 487 -11.63 -20.47 20.77
C GLN B 487 -12.81 -21.43 20.92
N ARG B 488 -13.99 -20.92 21.24
CA ARG B 488 -15.18 -21.77 21.30
C ARG B 488 -15.56 -22.36 19.95
N ILE B 489 -15.46 -21.56 18.89
CA ILE B 489 -15.78 -22.06 17.56
C ILE B 489 -14.64 -22.95 17.06
N ALA B 490 -13.44 -22.79 17.63
CA ALA B 490 -12.37 -23.73 17.38
C ALA B 490 -12.61 -25.07 18.07
N ILE B 491 -13.23 -25.05 19.26
CA ILE B 491 -13.69 -26.29 19.89
C ILE B 491 -14.72 -26.97 19.01
N ALA B 492 -15.66 -26.18 18.47
CA ALA B 492 -16.71 -26.73 17.62
C ALA B 492 -16.15 -27.32 16.33
N ARG B 493 -15.12 -26.68 15.76
CA ARG B 493 -14.48 -27.26 14.58
C ARG B 493 -13.62 -28.46 14.96
N ALA B 494 -13.07 -28.47 16.17
CA ALA B 494 -12.36 -29.63 16.68
C ALA B 494 -13.32 -30.76 16.96
N LEU B 495 -14.57 -30.43 17.27
CA LEU B 495 -15.63 -31.42 17.38
C LEU B 495 -16.02 -31.97 16.02
N LEU B 496 -16.94 -32.94 16.01
CA LEU B 496 -17.26 -33.95 15.01
C LEU B 496 -16.16 -34.99 14.90
N ARG B 497 -15.13 -34.93 15.76
CA ARG B 497 -14.10 -35.93 15.98
C ARG B 497 -13.30 -36.19 14.71
N ASP B 498 -12.93 -37.45 14.45
CA ASP B 498 -11.91 -37.84 13.45
C ASP B 498 -10.63 -37.04 13.61
N SER B 499 -10.20 -36.83 14.87
CA SER B 499 -9.04 -36.02 15.19
C SER B 499 -8.43 -36.56 16.48
N PRO B 500 -7.55 -37.55 16.38
CA PRO B 500 -6.95 -38.12 17.60
C PRO B 500 -5.93 -37.22 18.26
N ILE B 501 -5.43 -36.20 17.56
CA ILE B 501 -4.42 -35.32 18.11
C ILE B 501 -4.96 -33.90 18.14
N LEU B 502 -4.91 -33.28 19.32
CA LEU B 502 -5.34 -31.91 19.49
C LEU B 502 -4.14 -31.05 19.84
N ILE B 503 -4.09 -29.86 19.27
CA ILE B 503 -3.05 -28.88 19.56
C ILE B 503 -3.75 -27.66 20.15
N LEU B 504 -3.40 -27.32 21.38
CA LEU B 504 -3.98 -26.17 22.05
C LEU B 504 -2.89 -25.15 22.33
N ASP B 505 -3.25 -23.88 22.22
CA ASP B 505 -2.37 -22.81 22.69
C ASP B 505 -2.86 -22.19 23.99
N GLU B 506 -4.17 -21.96 24.09
CA GLU B 506 -4.84 -21.20 25.16
C GLU B 506 -4.21 -19.79 25.27
N ALA B 507 -4.75 -18.88 24.45
CA ALA B 507 -4.44 -17.46 24.50
C ALA B 507 -5.57 -16.68 25.15
N THR B 508 -6.15 -17.25 26.21
CA THR B 508 -7.33 -16.69 26.85
C THR B 508 -7.04 -15.34 27.50
N SER B 509 -5.95 -15.26 28.27
CA SER B 509 -5.53 -14.10 29.05
C SER B 509 -6.64 -13.66 30.00
N ALA B 510 -7.44 -12.69 29.57
CA ALA B 510 -8.58 -12.21 30.35
C ALA B 510 -9.74 -13.17 30.16
N LEU B 511 -10.05 -13.93 31.21
CA LEU B 511 -11.15 -14.88 31.15
C LEU B 511 -12.49 -14.15 31.24
N ASP B 512 -13.41 -14.50 30.34
CA ASP B 512 -14.75 -13.94 30.39
C ASP B 512 -15.54 -14.58 31.52
N THR B 513 -16.22 -13.74 32.30
CA THR B 513 -17.08 -14.24 33.38
C THR B 513 -18.27 -14.99 32.80
N GLU B 514 -18.59 -16.13 33.43
CA GLU B 514 -19.70 -17.07 33.20
C GLU B 514 -19.66 -17.75 31.83
N SER B 515 -18.73 -17.36 30.96
CA SER B 515 -18.50 -18.10 29.73
C SER B 515 -17.29 -19.02 29.86
N GLU B 516 -16.39 -18.70 30.80
CA GLU B 516 -15.25 -19.55 31.07
C GLU B 516 -15.67 -20.86 31.70
N ARG B 517 -16.79 -20.85 32.44
CA ARG B 517 -17.30 -22.07 33.07
C ARG B 517 -17.77 -23.08 32.03
N ALA B 518 -18.23 -22.60 30.87
CA ALA B 518 -18.60 -23.50 29.79
C ALA B 518 -17.42 -23.76 28.86
N ILE B 519 -16.51 -22.79 28.74
CA ILE B 519 -15.32 -22.95 27.90
C ILE B 519 -14.42 -24.04 28.47
N GLN B 520 -14.18 -24.03 29.77
CA GLN B 520 -13.34 -25.08 30.37
C GLN B 520 -14.08 -26.40 30.46
N ALA B 521 -15.42 -26.39 30.54
CA ALA B 521 -16.18 -27.63 30.45
C ALA B 521 -16.03 -28.28 29.09
N ALA B 522 -16.11 -27.47 28.02
CA ALA B 522 -15.87 -27.97 26.67
C ALA B 522 -14.40 -28.34 26.47
N LEU B 523 -13.50 -27.67 27.19
CA LEU B 523 -12.08 -27.98 27.10
C LEU B 523 -11.76 -29.33 27.74
N ASP B 524 -12.38 -29.62 28.89
CA ASP B 524 -12.20 -30.94 29.50
C ASP B 524 -12.96 -32.01 28.74
N GLU B 525 -14.02 -31.65 28.03
CA GLU B 525 -14.63 -32.57 27.08
C GLU B 525 -13.70 -32.85 25.91
N LEU B 526 -12.98 -31.81 25.46
CA LEU B 526 -12.00 -31.95 24.39
C LEU B 526 -10.84 -32.84 24.81
N GLN B 527 -10.38 -32.69 26.05
CA GLN B 527 -9.22 -33.41 26.57
C GLN B 527 -9.60 -34.66 27.35
N LYS B 528 -10.87 -35.10 27.27
CA LYS B 528 -11.30 -36.30 27.98
C LYS B 528 -10.60 -37.54 27.46
N ASN B 529 -10.48 -37.66 26.14
CA ASN B 529 -9.77 -38.73 25.48
C ASN B 529 -8.80 -38.10 24.48
N ARG B 530 -8.15 -38.96 23.66
CA ARG B 530 -7.33 -38.61 22.49
C ARG B 530 -6.05 -37.83 22.82
N THR B 531 -5.05 -37.99 21.96
CA THR B 531 -3.65 -37.60 22.23
C THR B 531 -3.49 -36.09 22.13
N SER B 532 -3.77 -35.41 23.24
CA SER B 532 -3.68 -33.96 23.28
C SER B 532 -2.25 -33.50 23.54
N LEU B 533 -1.85 -32.42 22.86
CA LEU B 533 -0.61 -31.71 23.17
C LEU B 533 -0.99 -30.23 23.32
N VAL B 534 -0.81 -29.69 24.51
CA VAL B 534 -1.27 -28.35 24.87
C VAL B 534 -0.05 -27.53 25.27
N ILE B 535 0.02 -26.28 24.83
CA ILE B 535 1.01 -25.37 25.41
C ILE B 535 0.30 -24.57 26.50
N ALA B 536 1.03 -24.27 27.58
CA ALA B 536 0.41 -23.93 28.85
C ALA B 536 0.65 -22.46 29.21
N HIS B 537 -0.43 -21.76 29.52
CA HIS B 537 -0.38 -20.49 30.24
C HIS B 537 -1.35 -20.47 31.41
N ARG B 538 -2.07 -21.57 31.64
CA ARG B 538 -3.04 -21.69 32.72
C ARG B 538 -2.63 -22.87 33.61
N LEU B 539 -2.66 -22.66 34.93
CA LEU B 539 -2.27 -23.73 35.84
C LEU B 539 -3.33 -24.80 35.95
N SER B 540 -4.58 -24.51 35.56
CA SER B 540 -5.63 -25.53 35.52
C SER B 540 -5.31 -26.61 34.50
N THR B 541 -4.89 -26.22 33.29
CA THR B 541 -4.49 -27.20 32.29
C THR B 541 -3.18 -27.88 32.68
N ILE B 542 -2.36 -27.20 33.48
CA ILE B 542 -1.14 -27.80 34.01
C ILE B 542 -1.46 -28.92 34.99
N GLU B 543 -2.39 -28.70 35.92
CA GLU B 543 -2.65 -29.76 36.91
C GLU B 543 -3.52 -30.85 36.30
N LYS B 544 -4.28 -30.53 35.24
CA LYS B 544 -4.96 -31.58 34.51
C LYS B 544 -4.05 -32.33 33.54
N ALA B 545 -2.82 -31.88 33.35
CA ALA B 545 -1.91 -32.57 32.44
C ALA B 545 -1.36 -33.85 33.07
N ASP B 546 -0.93 -34.78 32.23
CA ASP B 546 -0.43 -36.06 32.73
C ASP B 546 1.09 -36.10 32.76
N GLU B 547 1.74 -35.74 31.65
CA GLU B 547 3.20 -35.73 31.56
C GLU B 547 3.62 -34.31 31.13
N ILE B 548 4.19 -33.57 32.07
CA ILE B 548 4.47 -32.16 31.83
C ILE B 548 5.84 -32.00 31.17
N VAL B 549 5.86 -31.29 30.05
CA VAL B 549 7.07 -31.04 29.26
C VAL B 549 7.34 -29.55 29.28
N VAL B 550 8.57 -29.16 29.63
CA VAL B 550 8.95 -27.76 29.70
C VAL B 550 10.22 -27.54 28.88
N VAL B 551 10.18 -26.55 28.00
CA VAL B 551 11.29 -26.24 27.10
C VAL B 551 11.82 -24.86 27.44
N GLU B 552 13.13 -24.77 27.68
CA GLU B 552 13.79 -23.51 27.97
C GLU B 552 14.94 -23.32 27.00
N ASP B 553 14.93 -22.18 26.29
CA ASP B 553 15.96 -21.79 25.31
C ASP B 553 16.14 -22.83 24.22
N GLY B 554 15.02 -23.44 23.80
CA GLY B 554 15.04 -24.40 22.71
C GLY B 554 15.44 -25.80 23.08
N VAL B 555 15.43 -26.18 24.36
CA VAL B 555 15.84 -27.51 24.78
C VAL B 555 15.04 -27.91 26.01
N ILE B 556 14.76 -29.21 26.13
CA ILE B 556 14.23 -29.81 27.34
C ILE B 556 15.34 -30.58 28.05
N VAL B 557 15.41 -30.39 29.37
CA VAL B 557 16.18 -31.26 30.25
C VAL B 557 15.28 -32.00 31.22
N GLU B 558 14.29 -31.30 31.79
CA GLU B 558 13.45 -31.85 32.85
C GLU B 558 12.09 -32.27 32.30
N ARG B 559 11.64 -33.46 32.67
CA ARG B 559 10.32 -33.96 32.28
C ARG B 559 9.61 -34.57 33.48
N GLY B 560 8.50 -35.27 33.23
CA GLY B 560 7.74 -35.91 34.28
C GLY B 560 6.47 -35.16 34.64
N THR B 561 5.82 -35.65 35.69
CA THR B 561 4.58 -35.06 36.14
C THR B 561 4.83 -33.78 36.95
N HIS B 562 3.74 -33.19 37.44
CA HIS B 562 3.84 -31.92 38.17
C HIS B 562 4.48 -32.10 39.54
N ASN B 563 4.28 -33.25 40.17
CA ASN B 563 4.83 -33.49 41.51
C ASN B 563 6.35 -33.62 41.46
N ASP B 564 6.87 -34.36 40.47
CA ASP B 564 8.31 -34.53 40.35
C ASP B 564 8.99 -33.23 39.92
N LEU B 565 8.30 -32.42 39.12
CA LEU B 565 8.83 -31.11 38.75
C LEU B 565 8.63 -30.10 39.86
N LEU B 566 7.81 -30.44 40.87
CA LEU B 566 7.64 -29.57 42.03
C LEU B 566 8.63 -29.93 43.13
N GLU B 567 9.14 -31.16 43.11
CA GLU B 567 10.14 -31.58 44.09
C GLU B 567 11.45 -30.80 43.93
N HIS B 568 11.98 -30.74 42.71
CA HIS B 568 13.12 -29.89 42.38
C HIS B 568 12.61 -28.78 41.48
N ARG B 569 12.82 -27.53 41.90
CA ARG B 569 12.13 -26.41 41.26
C ARG B 569 12.76 -26.05 39.91
N GLY B 570 14.04 -25.67 39.91
CA GLY B 570 14.67 -25.23 38.68
C GLY B 570 14.10 -23.89 38.21
N VAL B 571 13.62 -23.87 36.97
CA VAL B 571 12.97 -22.69 36.42
C VAL B 571 11.49 -22.92 36.15
N TYR B 572 10.99 -24.16 36.28
CA TYR B 572 9.58 -24.42 36.01
C TYR B 572 8.68 -23.89 37.11
N ALA B 573 9.12 -24.02 38.37
CA ALA B 573 8.26 -23.63 39.50
C ALA B 573 8.10 -22.12 39.60
N GLN B 574 9.18 -21.38 39.36
CA GLN B 574 9.10 -19.91 39.37
C GLN B 574 10.17 -19.31 38.47
#